data_4M3W
#
_entry.id   4M3W
#
_cell.length_a   78.518
_cell.length_b   118.774
_cell.length_c   129.773
_cell.angle_alpha   90.00
_cell.angle_beta   90.00
_cell.angle_gamma   90.00
#
_symmetry.space_group_name_H-M   'P 21 21 21'
#
loop_
_entity.id
_entity.type
_entity.pdbx_description
1 polymer 'DNA polymerase'
2 polymer 'DNA template'
3 polymer 'DNA primer'
4 non-polymer "ADENOSINE-5'-TRIPHOSPHATE"
5 non-polymer 'CALCIUM ION'
6 water water
#
loop_
_entity_poly.entity_id
_entity_poly.type
_entity_poly.pdbx_seq_one_letter_code
_entity_poly.pdbx_strand_id
1 'polypeptide(L)'
;MKEFYLTVEQIGDSIFERYIDSNGRERTREVEYKPSLFAHCPESQATKYFDIYGKPCTRKLFANMRDASQWIKRMEDIGL
EALGMDDFKLAYLSDTYNYEIKYDHTKIRVANFDIEVTSPDGFPEPSQAKHPIDAITHYDSIDDRFYVFDLLNSPYGNVE
EWSIEIAAKLQEQGGDEVPSEIIDKIIYMPFDNEKELLMEYLNFWQQKTPVILTGWNVESFAIPYVYNRIKNIFGESTAK
RLSPHRKTRVKVIENMYGSREIITLFGISVLDYIDLYKKFSFTNQPSYSLDYISEFELNVGKLKYDGPISKLRESNHQRY
ISYNIIAVYRVLQIDAKRQFINLSLDMGYYAKIQIQSVFSPIKTWDAIIFNSLKEQNKVIPQGRSHPVQPYPGAFVKEPI
PNRYKYVMSFDLTSAYPSIIRQVNISPETIAGTFKVAPLHDYINAVAERPSDVYSCSPNGMMYYKDRDGVVPTEITKVFN
QRKEHKGYMLAAQRNGEIIKEALHNPNLSVDEPLDVDYRFDFSDEIKEKIKKLSAKSLNEMLFRAQRTEVAGMTAQINRK
ALINGLAGALGNVWFRYYDLRNATAITTFGQMALQWIERKVNEYLNEVCGTEGEAFVLYGDTDSIYVSADKIIDKVGESK
FRDTNHWVDFLDKFARERMEPAIDRGFREMCEYMNNKQHLMFMDREAIAGPPLGSKGIGGFWTGKKRYALNVWDMEGTRY
AEPKLKIMGLETQKSSTPKAVQKALKECIRRMLQEGEESLQEYFKEFEKEFRQLNYISIASVSSANNIAKYDVGGFPGPK
CPFHIRGILTYNRAIKGNIDAPQVVEGEKVYVLPLREGNPFGDKCIAWPSGTEITDLIKDDVLHWMDYTVLLEKTFIKPL
EGFTSAAKLDYEKKASLFDMFDF
;
A
2 'polydeoxyribonucleotide' (DC)(DA)(DT)(DG)(DT)(DA)(DG)(DG)(DT)(DA)(DG)(DT)(DC)(DC)(DG)(DC)(DG) T
3 'polydeoxyribonucleotide' (DG)(DC)(DG)(DG)(DA)(DC)(DT)(DA)(DC)(DT)(DT)(DA)(DC) P
#
loop_
_chem_comp.id
_chem_comp.type
_chem_comp.name
_chem_comp.formula
ATP non-polymer ADENOSINE-5'-TRIPHOSPHATE 'C10 H16 N5 O13 P3'
CA non-polymer 'CALCIUM ION' 'Ca 2'
DA DNA linking 2'-DEOXYADENOSINE-5'-MONOPHOSPHATE 'C10 H14 N5 O6 P'
DC DNA linking 2'-DEOXYCYTIDINE-5'-MONOPHOSPHATE 'C9 H14 N3 O7 P'
DG DNA linking 2'-DEOXYGUANOSINE-5'-MONOPHOSPHATE 'C10 H14 N5 O7 P'
DT DNA linking THYMIDINE-5'-MONOPHOSPHATE 'C10 H15 N2 O8 P'
#
# COMPACT_ATOMS: atom_id res chain seq x y z
N MET A 1 -29.86 5.25 -18.60
CA MET A 1 -28.52 5.57 -18.03
C MET A 1 -27.46 5.62 -19.13
N LYS A 2 -26.33 6.23 -18.84
CA LYS A 2 -25.18 6.21 -19.75
C LYS A 2 -24.58 4.81 -19.74
N GLU A 3 -24.14 4.33 -20.89
CA GLU A 3 -23.50 3.00 -20.99
C GLU A 3 -22.07 3.05 -20.47
N PHE A 4 -21.57 1.92 -20.00
CA PHE A 4 -20.18 1.81 -19.58
C PHE A 4 -19.70 0.38 -19.71
N TYR A 5 -18.42 0.20 -20.00
CA TYR A 5 -17.83 -1.12 -20.19
C TYR A 5 -17.67 -1.86 -18.87
N LEU A 6 -17.59 -3.18 -18.98
CA LEU A 6 -17.28 -4.05 -17.86
C LEU A 6 -15.89 -4.61 -18.10
N THR A 7 -15.72 -5.27 -19.25
CA THR A 7 -14.44 -5.80 -19.65
C THR A 7 -14.20 -5.62 -21.15
N VAL A 8 -12.94 -5.62 -21.53
CA VAL A 8 -12.58 -5.57 -22.95
C VAL A 8 -11.36 -6.45 -23.17
N GLU A 9 -11.38 -7.20 -24.26
CA GLU A 9 -10.25 -8.03 -24.66
C GLU A 9 -10.02 -7.90 -26.17
N GLN A 10 -8.77 -8.09 -26.59
CA GLN A 10 -8.43 -8.27 -27.99
C GLN A 10 -8.08 -9.73 -28.25
N ILE A 11 -8.83 -10.36 -29.15
CA ILE A 11 -8.54 -11.73 -29.61
C ILE A 11 -8.52 -11.73 -31.13
N GLY A 12 -7.32 -11.89 -31.71
CA GLY A 12 -7.14 -11.78 -33.15
C GLY A 12 -7.57 -10.41 -33.64
N ASP A 13 -8.43 -10.36 -34.66
CA ASP A 13 -8.93 -9.11 -35.21
C ASP A 13 -10.27 -8.67 -34.58
N SER A 14 -10.65 -9.34 -33.49
CA SER A 14 -11.87 -9.00 -32.78
C SER A 14 -11.60 -8.39 -31.40
N ILE A 15 -12.33 -7.33 -31.09
CA ILE A 15 -12.45 -6.84 -29.72
C ILE A 15 -13.67 -7.52 -29.12
N PHE A 16 -13.50 -8.08 -27.92
CA PHE A 16 -14.58 -8.70 -27.17
C PHE A 16 -14.88 -7.81 -25.97
N GLU A 17 -16.09 -7.26 -25.93
CA GLU A 17 -16.48 -6.36 -24.86
C GLU A 17 -17.72 -6.86 -24.15
N ARG A 18 -17.66 -6.83 -22.82
CA ARG A 18 -18.84 -6.97 -21.99
C ARG A 18 -19.14 -5.57 -21.47
N TYR A 19 -20.41 -5.21 -21.43
CA TYR A 19 -20.78 -3.85 -21.04
C TYR A 19 -22.19 -3.81 -20.47
N ILE A 20 -22.50 -2.66 -19.87
CA ILE A 20 -23.86 -2.37 -19.40
C ILE A 20 -24.50 -1.41 -20.40
N ASP A 21 -25.65 -1.79 -20.96
CA ASP A 21 -26.33 -0.94 -21.93
C ASP A 21 -27.18 0.16 -21.27
N SER A 22 -27.92 0.91 -22.10
CA SER A 22 -28.64 2.09 -21.65
C SER A 22 -29.80 1.77 -20.73
N ASN A 23 -30.25 0.52 -20.74
CA ASN A 23 -31.29 0.04 -19.83
C ASN A 23 -30.73 -0.66 -18.58
N GLY A 24 -29.42 -0.59 -18.40
CA GLY A 24 -28.78 -1.21 -17.25
C GLY A 24 -28.65 -2.72 -17.34
N ARG A 25 -28.76 -3.27 -18.55
CA ARG A 25 -28.65 -4.70 -18.77
C ARG A 25 -27.21 -5.04 -19.13
N GLU A 26 -26.71 -6.17 -18.63
CA GLU A 26 -25.41 -6.70 -19.06
C GLU A 26 -25.49 -7.28 -20.47
N ARG A 27 -24.56 -6.85 -21.32
CA ARG A 27 -24.48 -7.32 -22.71
C ARG A 27 -23.05 -7.70 -23.04
N THR A 28 -22.88 -8.46 -24.12
CA THR A 28 -21.57 -8.83 -24.67
C THR A 28 -21.64 -8.60 -26.17
N ARG A 29 -20.51 -8.25 -26.77
CA ARG A 29 -20.43 -8.10 -28.22
C ARG A 29 -19.02 -8.28 -28.75
N GLU A 30 -18.94 -8.76 -29.99
CA GLU A 30 -17.66 -8.92 -30.68
C GLU A 30 -17.59 -7.84 -31.75
N VAL A 31 -16.51 -7.06 -31.78
CA VAL A 31 -16.34 -5.99 -32.77
C VAL A 31 -15.05 -6.16 -33.56
N GLU A 32 -15.16 -6.27 -34.88
CA GLU A 32 -13.98 -6.26 -35.75
C GLU A 32 -13.47 -4.83 -35.83
N TYR A 33 -12.66 -4.46 -34.85
CA TYR A 33 -12.27 -3.07 -34.65
C TYR A 33 -11.28 -2.65 -35.74
N LYS A 34 -11.53 -1.46 -36.30
CA LYS A 34 -10.68 -0.91 -37.34
C LYS A 34 -9.86 0.22 -36.74
N PRO A 35 -8.63 -0.10 -36.31
CA PRO A 35 -7.81 0.89 -35.62
C PRO A 35 -7.14 1.88 -36.58
N SER A 36 -6.74 3.02 -36.03
CA SER A 36 -5.89 3.96 -36.74
C SER A 36 -4.56 4.13 -36.01
N LEU A 37 -3.50 4.28 -36.81
CA LEU A 37 -2.23 4.79 -36.32
C LEU A 37 -1.84 5.92 -37.27
N PHE A 38 -0.69 6.54 -37.03
CA PHE A 38 -0.36 7.80 -37.68
C PHE A 38 1.11 7.86 -38.05
N ALA A 39 1.42 8.72 -39.01
CA ALA A 39 2.78 8.91 -39.50
C ALA A 39 3.00 10.37 -39.85
N HIS A 40 4.19 10.88 -39.58
CA HIS A 40 4.52 12.23 -39.99
C HIS A 40 4.36 12.36 -41.50
N CYS A 41 3.77 13.47 -41.92
CA CYS A 41 3.53 13.77 -43.33
C CYS A 41 4.08 15.16 -43.56
N PRO A 42 4.18 15.60 -44.84
CA PRO A 42 4.72 16.94 -45.07
C PRO A 42 3.79 18.07 -44.64
N GLU A 43 4.38 19.22 -44.35
CA GLU A 43 3.64 20.42 -43.94
C GLU A 43 2.52 20.72 -44.93
N SER A 44 2.88 20.76 -46.22
CA SER A 44 1.93 20.98 -47.32
C SER A 44 0.61 20.25 -47.15
N GLN A 45 0.67 19.01 -46.69
CA GLN A 45 -0.52 18.19 -46.54
C GLN A 45 -1.39 18.70 -45.39
N ALA A 46 -2.56 19.26 -45.75
CA ALA A 46 -3.52 19.78 -44.77
C ALA A 46 -4.20 18.63 -44.01
N THR A 47 -4.16 18.68 -42.68
CA THR A 47 -4.64 17.60 -41.84
C THR A 47 -5.23 18.15 -40.53
N LYS A 48 -5.95 17.31 -39.80
CA LYS A 48 -6.43 17.70 -38.47
C LYS A 48 -5.66 16.98 -37.35
N TYR A 49 -4.68 16.16 -37.70
CA TYR A 49 -3.89 15.41 -36.74
C TYR A 49 -2.47 15.93 -36.65
N PHE A 50 -2.07 16.30 -35.43
CA PHE A 50 -0.72 16.77 -35.15
C PHE A 50 -0.14 15.97 -34.00
N ASP A 51 1.16 15.72 -34.02
CA ASP A 51 1.80 15.08 -32.87
C ASP A 51 1.88 16.10 -31.74
N ILE A 52 2.38 15.70 -30.57
CA ILE A 52 2.39 16.60 -29.41
C ILE A 52 3.35 17.79 -29.59
N TYR A 53 4.30 17.66 -30.50
CA TYR A 53 5.22 18.76 -30.85
C TYR A 53 4.71 19.60 -32.00
N GLY A 54 3.44 19.42 -32.37
CA GLY A 54 2.80 20.21 -33.42
C GLY A 54 3.17 19.84 -34.85
N LYS A 55 3.84 18.72 -35.06
CA LYS A 55 4.20 18.30 -36.41
C LYS A 55 3.01 17.56 -37.02
N PRO A 56 2.68 17.86 -38.29
CA PRO A 56 1.51 17.26 -38.90
C PRO A 56 1.64 15.74 -39.11
N CYS A 57 0.53 15.04 -38.94
CA CYS A 57 0.45 13.61 -39.19
C CYS A 57 -0.70 13.25 -40.11
N THR A 58 -0.57 12.11 -40.76
CA THR A 58 -1.61 11.56 -41.59
C THR A 58 -2.13 10.29 -40.91
N ARG A 59 -3.44 10.11 -40.91
CA ARG A 59 -4.04 8.95 -40.27
C ARG A 59 -4.00 7.77 -41.21
N LYS A 60 -3.55 6.63 -40.69
CA LYS A 60 -3.62 5.36 -41.41
C LYS A 60 -4.73 4.53 -40.78
N LEU A 61 -5.83 4.40 -41.49
CA LEU A 61 -6.96 3.60 -41.05
C LEU A 61 -6.77 2.18 -41.55
N PHE A 62 -6.78 1.20 -40.65
CA PHE A 62 -6.51 -0.19 -41.03
C PHE A 62 -7.76 -1.04 -41.11
N ALA A 63 -7.72 -2.04 -41.99
CA ALA A 63 -8.83 -2.98 -42.17
C ALA A 63 -9.02 -3.85 -40.92
N ASN A 64 -7.92 -4.18 -40.25
CA ASN A 64 -7.96 -4.96 -39.03
C ASN A 64 -6.74 -4.68 -38.17
N MET A 65 -6.73 -5.23 -36.96
CA MET A 65 -5.69 -4.93 -35.98
C MET A 65 -4.39 -5.62 -36.34
N ARG A 66 -4.48 -6.77 -37.00
CA ARG A 66 -3.30 -7.48 -37.47
C ARG A 66 -2.52 -6.64 -38.49
N ASP A 67 -3.23 -6.03 -39.43
CA ASP A 67 -2.60 -5.14 -40.43
C ASP A 67 -1.91 -3.95 -39.76
N ALA A 68 -2.53 -3.41 -38.72
CA ALA A 68 -1.94 -2.29 -37.97
C ALA A 68 -0.64 -2.70 -37.28
N SER A 69 -0.66 -3.87 -36.67
CA SER A 69 0.53 -4.41 -36.01
C SER A 69 1.64 -4.68 -37.02
N GLN A 70 1.27 -5.29 -38.14
CA GLN A 70 2.19 -5.56 -39.26
C GLN A 70 2.84 -4.28 -39.78
N TRP A 71 2.03 -3.23 -39.87
CA TRP A 71 2.52 -1.93 -40.33
C TRP A 71 3.55 -1.35 -39.38
N ILE A 72 3.33 -1.53 -38.07
CA ILE A 72 4.27 -1.05 -37.05
C ILE A 72 5.65 -1.69 -37.25
N LYS A 73 5.66 -2.96 -37.65
CA LYS A 73 6.92 -3.68 -37.89
C LYS A 73 7.62 -3.17 -39.15
N ARG A 74 6.86 -2.94 -40.22
CA ARG A 74 7.43 -2.43 -41.46
C ARG A 74 8.03 -1.04 -41.26
N MET A 75 7.34 -0.21 -40.49
CA MET A 75 7.83 1.14 -40.18
C MET A 75 9.12 1.06 -39.38
N GLU A 76 9.17 0.15 -38.43
CA GLU A 76 10.40 -0.12 -37.67
C GLU A 76 11.56 -0.51 -38.59
N ASP A 77 11.26 -1.34 -39.59
CA ASP A 77 12.25 -1.83 -40.55
C ASP A 77 12.67 -0.74 -41.52
N ILE A 78 11.75 0.15 -41.85
CA ILE A 78 12.06 1.32 -42.68
C ILE A 78 12.90 2.30 -41.87
N GLY A 79 12.55 2.48 -40.59
CA GLY A 79 13.24 3.43 -39.71
C GLY A 79 12.47 4.71 -39.41
N LEU A 80 11.13 4.67 -39.46
CA LEU A 80 10.29 5.85 -39.23
C LEU A 80 9.28 5.64 -38.10
N GLU A 81 8.97 6.72 -37.38
CA GLU A 81 8.06 6.64 -36.24
C GLU A 81 6.64 6.28 -36.67
N ALA A 82 6.07 5.32 -35.93
CA ALA A 82 4.69 4.89 -36.09
C ALA A 82 3.92 5.41 -34.87
N LEU A 83 3.17 6.49 -35.04
CA LEU A 83 2.52 7.16 -33.92
C LEU A 83 1.14 6.59 -33.64
N GLY A 84 0.59 6.93 -32.48
CA GLY A 84 -0.74 6.51 -32.07
C GLY A 84 -0.74 5.43 -31.00
N MET A 85 -1.93 5.12 -30.51
CA MET A 85 -2.10 4.11 -29.46
C MET A 85 -2.00 2.70 -30.03
N ASP A 86 -0.94 1.99 -29.68
CA ASP A 86 -0.67 0.63 -30.18
C ASP A 86 -1.37 -0.49 -29.37
N ASP A 87 -1.86 -0.15 -28.18
CA ASP A 87 -2.72 -1.06 -27.40
C ASP A 87 -4.15 -0.80 -27.85
N PHE A 88 -4.62 -1.61 -28.78
CA PHE A 88 -5.84 -1.29 -29.52
C PHE A 88 -7.10 -1.28 -28.68
N LYS A 89 -7.15 -2.09 -27.64
CA LYS A 89 -8.34 -2.07 -26.77
C LYS A 89 -8.45 -0.76 -25.98
N LEU A 90 -7.35 -0.08 -25.71
CA LEU A 90 -7.42 1.28 -25.16
C LEU A 90 -8.02 2.26 -26.17
N ALA A 91 -7.64 2.11 -27.44
CA ALA A 91 -8.22 2.93 -28.50
C ALA A 91 -9.72 2.64 -28.62
N TYR A 92 -10.07 1.35 -28.63
CA TYR A 92 -11.47 0.94 -28.68
C TYR A 92 -12.30 1.58 -27.56
N LEU A 93 -11.83 1.44 -26.32
CA LEU A 93 -12.53 2.05 -25.18
C LEU A 93 -12.67 3.56 -25.36
N SER A 94 -11.62 4.21 -25.87
CA SER A 94 -11.62 5.64 -26.09
C SER A 94 -12.61 6.08 -27.17
N ASP A 95 -12.68 5.31 -28.26
CA ASP A 95 -13.70 5.56 -29.30
C ASP A 95 -15.11 5.26 -28.82
N THR A 96 -15.28 4.16 -28.09
CA THR A 96 -16.62 3.69 -27.69
C THR A 96 -17.21 4.53 -26.55
N TYR A 97 -16.36 5.02 -25.66
CA TYR A 97 -16.78 5.81 -24.51
C TYR A 97 -16.05 7.13 -24.55
N ASN A 98 -16.50 7.99 -25.45
CA ASN A 98 -15.92 9.30 -25.64
C ASN A 98 -16.63 10.31 -24.74
N TYR A 99 -16.48 10.12 -23.44
CA TYR A 99 -17.10 10.96 -22.41
C TYR A 99 -16.64 10.49 -21.04
N GLU A 100 -16.88 11.31 -20.02
CA GLU A 100 -16.54 10.92 -18.64
C GLU A 100 -17.44 9.77 -18.20
N ILE A 101 -16.86 8.62 -17.93
CA ILE A 101 -17.63 7.42 -17.58
C ILE A 101 -18.25 7.55 -16.19
N LYS A 102 -19.58 7.46 -16.13
CA LYS A 102 -20.28 7.34 -14.87
C LYS A 102 -20.79 5.91 -14.80
N TYR A 103 -20.21 5.13 -13.90
CA TYR A 103 -20.55 3.71 -13.78
C TYR A 103 -21.42 3.47 -12.54
N ASP A 104 -22.23 2.44 -12.60
CA ASP A 104 -23.09 2.05 -11.47
C ASP A 104 -22.62 0.69 -10.98
N HIS A 105 -21.99 0.68 -9.81
CA HIS A 105 -21.37 -0.51 -9.27
C HIS A 105 -22.37 -1.62 -8.95
N THR A 106 -23.62 -1.25 -8.70
CA THR A 106 -24.67 -2.24 -8.44
C THR A 106 -24.94 -3.11 -9.67
N LYS A 107 -24.52 -2.68 -10.85
CA LYS A 107 -24.69 -3.45 -12.10
C LYS A 107 -23.49 -4.34 -12.39
N ILE A 108 -22.42 -4.17 -11.62
CA ILE A 108 -21.16 -4.88 -11.87
C ILE A 108 -21.09 -6.11 -10.98
N ARG A 109 -20.99 -7.29 -11.58
CA ARG A 109 -20.96 -8.53 -10.81
C ARG A 109 -19.56 -8.74 -10.24
N VAL A 110 -19.44 -8.54 -8.93
CA VAL A 110 -18.20 -8.75 -8.20
C VAL A 110 -18.33 -10.05 -7.46
N ALA A 111 -17.50 -11.03 -7.84
CA ALA A 111 -17.48 -12.36 -7.24
C ALA A 111 -16.30 -12.52 -6.29
N ASN A 112 -16.58 -13.07 -5.11
CA ASN A 112 -15.58 -13.35 -4.11
C ASN A 112 -15.69 -14.83 -3.82
N PHE A 113 -14.60 -15.58 -4.04
CA PHE A 113 -14.67 -17.02 -3.80
C PHE A 113 -13.40 -17.61 -3.22
N ASP A 114 -13.52 -18.87 -2.80
CA ASP A 114 -12.46 -19.59 -2.14
C ASP A 114 -12.83 -21.06 -2.19
N ILE A 115 -11.86 -21.94 -2.35
CA ILE A 115 -12.11 -23.38 -2.43
C ILE A 115 -11.34 -24.14 -1.39
N GLU A 116 -11.80 -25.34 -1.08
CA GLU A 116 -11.07 -26.24 -0.20
C GLU A 116 -10.69 -27.48 -0.97
N VAL A 117 -9.51 -28.02 -0.66
CA VAL A 117 -8.98 -29.21 -1.31
C VAL A 117 -8.24 -30.05 -0.27
N THR A 118 -8.86 -31.14 0.19
CA THR A 118 -8.19 -32.07 1.10
C THR A 118 -7.05 -32.78 0.34
N SER A 119 -5.86 -32.77 0.94
CA SER A 119 -4.67 -33.37 0.36
C SER A 119 -3.85 -34.08 1.44
N PRO A 120 -3.83 -35.41 1.42
CA PRO A 120 -3.05 -36.13 2.42
C PRO A 120 -1.55 -36.19 2.11
N ASP A 121 -1.13 -35.80 0.91
CA ASP A 121 0.28 -35.92 0.51
C ASP A 121 0.97 -34.57 0.24
N GLY A 122 0.67 -33.58 1.09
CA GLY A 122 1.30 -32.27 0.98
C GLY A 122 0.39 -31.23 0.34
N PHE A 123 0.96 -30.07 0.02
CA PHE A 123 0.20 -28.96 -0.54
C PHE A 123 -0.40 -29.37 -1.89
N PRO A 124 -1.70 -29.10 -2.12
CA PRO A 124 -2.31 -29.48 -3.38
C PRO A 124 -1.92 -28.51 -4.51
N GLU A 125 -0.93 -28.89 -5.31
CA GLU A 125 -0.40 -28.03 -6.38
C GLU A 125 -1.43 -27.78 -7.47
N PRO A 126 -1.76 -26.49 -7.74
CA PRO A 126 -2.71 -26.16 -8.80
C PRO A 126 -2.34 -26.71 -10.18
N SER A 127 -1.05 -26.68 -10.52
CA SER A 127 -0.63 -27.14 -11.84
C SER A 127 -0.97 -28.62 -12.06
N GLN A 128 -0.97 -29.42 -11.00
CA GLN A 128 -1.31 -30.86 -11.09
C GLN A 128 -2.79 -31.13 -10.77
N ALA A 129 -3.35 -30.37 -9.84
CA ALA A 129 -4.77 -30.49 -9.50
C ALA A 129 -5.20 -31.95 -9.39
N LYS A 130 -4.46 -32.73 -8.62
CA LYS A 130 -4.68 -34.17 -8.58
C LYS A 130 -5.59 -34.63 -7.46
N HIS A 131 -6.11 -33.69 -6.66
CA HIS A 131 -7.04 -34.02 -5.59
C HIS A 131 -8.41 -33.38 -5.79
N PRO A 132 -9.47 -34.02 -5.29
CA PRO A 132 -10.81 -33.46 -5.44
C PRO A 132 -11.01 -32.10 -4.79
N ILE A 133 -11.72 -31.20 -5.49
CA ILE A 133 -12.22 -29.98 -4.89
C ILE A 133 -13.44 -30.34 -4.05
N ASP A 134 -13.35 -30.17 -2.74
CA ASP A 134 -14.40 -30.66 -1.85
C ASP A 134 -15.23 -29.56 -1.18
N ALA A 135 -14.89 -28.30 -1.45
CA ALA A 135 -15.76 -27.19 -1.10
C ALA A 135 -15.45 -25.98 -1.96
N ILE A 136 -16.50 -25.25 -2.33
CA ILE A 136 -16.38 -23.91 -2.93
C ILE A 136 -17.43 -23.03 -2.26
N THR A 137 -17.00 -21.85 -1.79
CA THR A 137 -17.94 -20.80 -1.47
C THR A 137 -17.71 -19.62 -2.38
N HIS A 138 -18.81 -19.11 -2.94
CA HIS A 138 -18.77 -18.11 -3.98
C HIS A 138 -19.82 -17.07 -3.66
N TYR A 139 -19.37 -15.88 -3.26
CA TYR A 139 -20.27 -14.78 -3.00
C TYR A 139 -20.48 -13.96 -4.26
N ASP A 140 -21.74 -13.63 -4.54
CA ASP A 140 -22.11 -12.81 -5.70
C ASP A 140 -22.68 -11.49 -5.20
N SER A 141 -22.10 -10.38 -5.65
CA SER A 141 -22.46 -9.05 -5.14
C SER A 141 -23.83 -8.58 -5.63
N ILE A 142 -24.28 -9.10 -6.77
CA ILE A 142 -25.59 -8.71 -7.31
C ILE A 142 -26.69 -9.44 -6.57
N ASP A 143 -26.51 -10.72 -6.31
CA ASP A 143 -27.47 -11.47 -5.51
C ASP A 143 -27.31 -11.22 -4.02
N ASP A 144 -26.13 -10.74 -3.60
CA ASP A 144 -25.79 -10.65 -2.17
C ASP A 144 -26.03 -12.00 -1.50
N ARG A 145 -25.48 -13.06 -2.09
CA ARG A 145 -25.64 -14.41 -1.58
C ARG A 145 -24.34 -15.18 -1.63
N PHE A 146 -24.13 -16.03 -0.64
CA PHE A 146 -23.00 -16.94 -0.58
C PHE A 146 -23.47 -18.29 -1.08
N TYR A 147 -23.03 -18.69 -2.26
CA TYR A 147 -23.38 -19.99 -2.81
C TYR A 147 -22.32 -20.99 -2.40
N VAL A 148 -22.76 -21.99 -1.63
CA VAL A 148 -21.86 -22.98 -1.06
C VAL A 148 -22.04 -24.33 -1.73
N PHE A 149 -20.95 -24.82 -2.31
CA PHE A 149 -20.89 -26.10 -3.00
C PHE A 149 -20.10 -27.09 -2.15
N ASP A 150 -20.77 -28.13 -1.67
CA ASP A 150 -20.22 -29.02 -0.64
C ASP A 150 -20.17 -30.45 -1.14
N LEU A 151 -18.97 -31.02 -1.21
CA LEU A 151 -18.81 -32.41 -1.62
C LEU A 151 -18.98 -33.34 -0.41
N LEU A 152 -19.97 -34.21 -0.46
CA LEU A 152 -20.23 -35.15 0.62
C LEU A 152 -19.44 -36.45 0.48
N ASN A 153 -19.14 -36.84 -0.77
CA ASN A 153 -18.43 -38.09 -1.04
C ASN A 153 -17.12 -37.89 -1.78
N SER A 154 -16.07 -38.47 -1.23
CA SER A 154 -14.72 -38.27 -1.73
C SER A 154 -13.89 -39.49 -1.40
N PRO A 155 -12.85 -39.79 -2.20
CA PRO A 155 -11.92 -40.84 -1.80
C PRO A 155 -11.20 -40.57 -0.47
N TYR A 156 -11.33 -39.36 0.09
CA TYR A 156 -10.76 -39.08 1.41
C TYR A 156 -11.81 -39.02 2.52
N GLY A 157 -13.03 -39.43 2.21
CA GLY A 157 -14.04 -39.62 3.24
C GLY A 157 -15.41 -39.22 2.78
N ASN A 158 -16.42 -39.93 3.26
CA ASN A 158 -17.82 -39.56 3.04
C ASN A 158 -18.37 -38.96 4.33
N VAL A 159 -19.07 -37.83 4.20
CA VAL A 159 -19.48 -37.03 5.36
C VAL A 159 -20.94 -36.64 5.24
N GLU A 160 -21.51 -36.18 6.34
CA GLU A 160 -22.91 -35.73 6.34
C GLU A 160 -22.97 -34.29 5.87
N GLU A 161 -24.19 -33.85 5.57
CA GLU A 161 -24.43 -32.46 5.17
C GLU A 161 -24.06 -31.51 6.29
N TRP A 162 -23.71 -30.29 5.89
CA TRP A 162 -23.37 -29.22 6.80
C TRP A 162 -24.64 -28.63 7.38
N SER A 163 -24.61 -28.35 8.68
CA SER A 163 -25.76 -27.82 9.39
C SER A 163 -25.62 -26.32 9.61
N ILE A 164 -26.54 -25.57 8.99
CA ILE A 164 -26.59 -24.13 9.16
C ILE A 164 -26.98 -23.77 10.60
N GLU A 165 -27.76 -24.64 11.23
CA GLU A 165 -28.20 -24.44 12.61
C GLU A 165 -27.01 -24.49 13.55
N ILE A 166 -26.15 -25.49 13.40
CA ILE A 166 -24.94 -25.61 14.23
C ILE A 166 -23.92 -24.51 13.88
N ALA A 167 -23.83 -24.19 12.59
CA ALA A 167 -22.94 -23.13 12.12
C ALA A 167 -23.20 -21.80 12.83
N ALA A 168 -24.47 -21.46 13.02
CA ALA A 168 -24.86 -20.17 13.64
C ALA A 168 -24.58 -20.12 15.14
N LYS A 169 -24.57 -21.28 15.80
CA LYS A 169 -24.31 -21.33 17.24
C LYS A 169 -22.93 -20.79 17.61
N LEU A 170 -22.85 -20.26 18.83
CA LEU A 170 -21.58 -19.82 19.39
C LEU A 170 -20.59 -20.97 19.42
N GLN A 171 -19.31 -20.68 19.23
CA GLN A 171 -18.28 -21.71 19.35
C GLN A 171 -18.25 -22.34 20.76
N GLU A 172 -18.48 -21.53 21.79
CA GLU A 172 -18.52 -22.01 23.17
C GLU A 172 -19.69 -22.97 23.42
N GLN A 173 -20.62 -23.03 22.49
CA GLN A 173 -21.68 -24.04 22.50
C GLN A 173 -21.51 -25.09 21.39
N GLY A 174 -20.29 -25.24 20.88
CA GLY A 174 -20.00 -26.27 19.88
C GLY A 174 -20.37 -25.91 18.45
N GLY A 175 -20.79 -24.66 18.23
CA GLY A 175 -21.11 -24.19 16.89
C GLY A 175 -19.90 -23.61 16.21
N ASP A 176 -20.10 -22.97 15.07
CA ASP A 176 -18.99 -22.38 14.32
C ASP A 176 -19.00 -20.87 14.34
N GLU A 177 -20.07 -20.28 14.88
CA GLU A 177 -20.22 -18.84 15.00
C GLU A 177 -20.12 -18.14 13.63
N VAL A 178 -20.75 -18.73 12.62
CA VAL A 178 -20.88 -18.03 11.34
C VAL A 178 -21.70 -16.78 11.64
N PRO A 179 -21.17 -15.59 11.29
CA PRO A 179 -21.88 -14.34 11.68
C PRO A 179 -23.36 -14.33 11.32
N SER A 180 -24.17 -13.83 12.26
CA SER A 180 -25.62 -13.84 12.10
C SER A 180 -26.10 -13.05 10.88
N GLU A 181 -25.38 -11.99 10.51
CA GLU A 181 -25.79 -11.15 9.37
C GLU A 181 -25.62 -11.80 7.98
N ILE A 182 -25.02 -12.99 7.91
CA ILE A 182 -24.93 -13.72 6.63
C ILE A 182 -25.65 -15.07 6.62
N ILE A 183 -26.17 -15.52 7.75
CA ILE A 183 -26.87 -16.81 7.81
C ILE A 183 -27.97 -16.89 6.76
N ASP A 184 -28.78 -15.84 6.66
CA ASP A 184 -29.90 -15.81 5.71
C ASP A 184 -29.47 -15.56 4.26
N LYS A 185 -28.18 -15.33 4.04
CA LYS A 185 -27.65 -15.06 2.71
C LYS A 185 -26.95 -16.28 2.09
N ILE A 186 -26.92 -17.40 2.82
CA ILE A 186 -26.22 -18.61 2.40
C ILE A 186 -27.18 -19.49 1.61
N ILE A 187 -26.73 -19.94 0.44
CA ILE A 187 -27.48 -20.91 -0.36
C ILE A 187 -26.62 -22.18 -0.48
N TYR A 188 -27.03 -23.22 0.25
CA TYR A 188 -26.21 -24.43 0.44
C TYR A 188 -26.61 -25.53 -0.54
N MET A 189 -25.60 -26.13 -1.18
CA MET A 189 -25.85 -27.11 -2.22
C MET A 189 -24.88 -28.28 -2.02
N PRO A 190 -25.35 -29.38 -1.41
CA PRO A 190 -24.52 -30.57 -1.22
C PRO A 190 -24.48 -31.42 -2.48
N PHE A 191 -23.43 -32.20 -2.67
CA PHE A 191 -23.25 -33.05 -3.85
C PHE A 191 -22.65 -34.37 -3.45
N ASP A 192 -23.11 -35.44 -4.09
CA ASP A 192 -22.65 -36.80 -3.79
C ASP A 192 -21.45 -37.21 -4.61
N ASN A 193 -21.03 -36.39 -5.57
CA ASN A 193 -19.80 -36.62 -6.32
C ASN A 193 -19.26 -35.34 -6.95
N GLU A 194 -17.96 -35.33 -7.17
CA GLU A 194 -17.27 -34.12 -7.60
C GLU A 194 -17.68 -33.61 -8.98
N LYS A 195 -17.92 -34.53 -9.91
CA LYS A 195 -18.25 -34.14 -11.28
C LYS A 195 -19.52 -33.31 -11.33
N GLU A 196 -20.56 -33.77 -10.65
CA GLU A 196 -21.82 -33.03 -10.52
C GLU A 196 -21.59 -31.67 -9.87
N LEU A 197 -20.80 -31.63 -8.80
CA LEU A 197 -20.44 -30.35 -8.17
C LEU A 197 -19.80 -29.39 -9.18
N LEU A 198 -18.81 -29.89 -9.92
CA LEU A 198 -18.08 -29.03 -10.85
C LEU A 198 -18.94 -28.64 -12.03
N MET A 199 -19.74 -29.57 -12.55
CA MET A 199 -20.64 -29.28 -13.64
C MET A 199 -21.62 -28.18 -13.22
N GLU A 200 -22.17 -28.32 -12.02
CA GLU A 200 -23.12 -27.35 -11.53
C GLU A 200 -22.43 -26.00 -11.28
N TYR A 201 -21.17 -26.03 -10.83
CA TYR A 201 -20.44 -24.78 -10.59
C TYR A 201 -20.23 -24.01 -11.90
N LEU A 202 -19.88 -24.73 -12.96
CA LEU A 202 -19.79 -24.14 -14.29
C LEU A 202 -21.12 -23.59 -14.81
N ASN A 203 -22.22 -24.32 -14.64
CA ASN A 203 -23.52 -23.81 -15.05
C ASN A 203 -23.86 -22.53 -14.29
N PHE A 204 -23.67 -22.59 -12.97
CA PHE A 204 -23.82 -21.43 -12.10
C PHE A 204 -22.97 -20.25 -12.61
N TRP A 205 -21.70 -20.51 -12.89
CA TRP A 205 -20.76 -19.49 -13.41
C TRP A 205 -21.28 -18.84 -14.70
N GLN A 206 -21.89 -19.63 -15.57
CA GLN A 206 -22.45 -19.14 -16.84
C GLN A 206 -23.58 -18.15 -16.59
N GLN A 207 -24.48 -18.48 -15.67
CA GLN A 207 -25.57 -17.59 -15.29
C GLN A 207 -25.08 -16.35 -14.55
N LYS A 208 -24.04 -16.52 -13.72
CA LYS A 208 -23.52 -15.42 -12.88
C LYS A 208 -22.03 -15.22 -13.11
N THR A 209 -21.70 -14.79 -14.33
CA THR A 209 -20.32 -14.71 -14.76
C THR A 209 -19.65 -13.52 -14.11
N PRO A 210 -18.61 -13.76 -13.30
CA PRO A 210 -17.93 -12.63 -12.69
C PRO A 210 -17.41 -11.61 -13.71
N VAL A 211 -17.50 -10.33 -13.36
CA VAL A 211 -16.78 -9.27 -14.08
C VAL A 211 -15.48 -9.01 -13.33
N ILE A 212 -15.61 -8.66 -12.05
CA ILE A 212 -14.48 -8.57 -11.12
C ILE A 212 -14.44 -9.85 -10.30
N LEU A 213 -13.30 -10.54 -10.33
CA LEU A 213 -13.14 -11.79 -9.60
C LEU A 213 -12.07 -11.59 -8.55
N THR A 214 -12.41 -11.85 -7.29
CA THR A 214 -11.48 -11.63 -6.20
C THR A 214 -11.60 -12.70 -5.11
N GLY A 215 -10.98 -12.46 -3.97
CA GLY A 215 -10.76 -13.47 -2.95
C GLY A 215 -9.33 -13.39 -2.49
N TRP A 216 -8.93 -14.30 -1.63
CA TRP A 216 -7.61 -14.30 -1.04
C TRP A 216 -6.75 -15.34 -1.70
N ASN A 217 -5.70 -14.92 -2.41
CA ASN A 217 -4.84 -15.83 -3.17
C ASN A 217 -5.51 -16.58 -4.32
N VAL A 218 -6.62 -16.05 -4.82
CA VAL A 218 -7.34 -16.72 -5.91
C VAL A 218 -6.48 -16.92 -7.17
N GLU A 219 -5.59 -15.97 -7.45
CA GLU A 219 -4.80 -15.98 -8.69
C GLU A 219 -3.75 -17.09 -8.68
N SER A 220 -3.16 -17.34 -7.53
CA SER A 220 -2.10 -18.35 -7.41
C SER A 220 -2.60 -19.70 -6.91
N PHE A 221 -3.81 -19.76 -6.36
CA PHE A 221 -4.37 -21.04 -5.94
C PHE A 221 -5.74 -21.35 -6.54
N ALA A 222 -6.77 -20.66 -6.09
CA ALA A 222 -8.15 -21.06 -6.38
C ALA A 222 -8.41 -21.17 -7.88
N ILE A 223 -8.06 -20.12 -8.62
CA ILE A 223 -8.33 -20.06 -10.04
C ILE A 223 -7.59 -21.16 -10.82
N PRO A 224 -6.24 -21.21 -10.69
CA PRO A 224 -5.55 -22.29 -11.39
C PRO A 224 -5.94 -23.70 -10.90
N TYR A 225 -6.32 -23.87 -9.63
CA TYR A 225 -6.74 -25.20 -9.19
C TYR A 225 -8.05 -25.60 -9.87
N VAL A 226 -9.02 -24.70 -9.86
CA VAL A 226 -10.33 -24.99 -10.44
C VAL A 226 -10.18 -25.26 -11.94
N TYR A 227 -9.44 -24.40 -12.63
CA TYR A 227 -9.19 -24.56 -14.05
C TYR A 227 -8.56 -25.92 -14.34
N ASN A 228 -7.43 -26.21 -13.71
CA ASN A 228 -6.72 -27.47 -13.97
C ASN A 228 -7.47 -28.71 -13.55
N ARG A 229 -8.26 -28.61 -12.49
CA ARG A 229 -9.06 -29.74 -12.02
C ARG A 229 -10.16 -30.07 -13.03
N ILE A 230 -10.90 -29.06 -13.46
CA ILE A 230 -11.92 -29.24 -14.49
C ILE A 230 -11.28 -29.76 -15.79
N LYS A 231 -10.13 -29.20 -16.16
CA LYS A 231 -9.39 -29.66 -17.32
C LYS A 231 -9.07 -31.16 -17.27
N ASN A 232 -8.59 -31.63 -16.12
CA ASN A 232 -8.20 -33.04 -15.96
C ASN A 232 -9.39 -34.01 -15.95
N ILE A 233 -10.53 -33.53 -15.45
CA ILE A 233 -11.73 -34.36 -15.37
C ILE A 233 -12.52 -34.33 -16.69
N PHE A 234 -12.80 -33.14 -17.20
CA PHE A 234 -13.70 -32.98 -18.36
C PHE A 234 -12.99 -32.62 -19.67
N GLY A 235 -11.76 -32.13 -19.60
CA GLY A 235 -11.05 -31.67 -20.78
C GLY A 235 -10.94 -30.18 -20.82
N GLU A 236 -9.98 -29.67 -21.58
CA GLU A 236 -9.67 -28.26 -21.58
C GLU A 236 -10.78 -27.35 -22.10
N SER A 237 -11.56 -27.81 -23.07
CA SER A 237 -12.62 -26.97 -23.62
C SER A 237 -13.72 -26.72 -22.59
N THR A 238 -13.93 -27.67 -21.68
CA THR A 238 -14.83 -27.48 -20.55
C THR A 238 -14.22 -26.47 -19.58
N ALA A 239 -12.92 -26.58 -19.32
CA ALA A 239 -12.21 -25.64 -18.44
C ALA A 239 -12.31 -24.21 -18.96
N LYS A 240 -12.26 -24.07 -20.29
CA LYS A 240 -12.34 -22.76 -20.93
C LYS A 240 -13.70 -22.04 -20.74
N ARG A 241 -14.72 -22.78 -20.30
CA ARG A 241 -16.00 -22.18 -19.96
C ARG A 241 -15.92 -21.20 -18.78
N LEU A 242 -14.80 -21.19 -18.07
CA LEU A 242 -14.57 -20.14 -17.04
C LEU A 242 -14.29 -18.77 -17.68
N SER A 243 -14.03 -18.75 -18.99
CA SER A 243 -13.94 -17.50 -19.75
C SER A 243 -15.22 -17.28 -20.54
N PRO A 244 -15.84 -16.11 -20.40
CA PRO A 244 -17.05 -15.83 -21.20
C PRO A 244 -16.82 -15.82 -22.71
N HIS A 245 -15.56 -15.64 -23.14
CA HIS A 245 -15.21 -15.73 -24.55
C HIS A 245 -14.51 -17.06 -24.86
N ARG A 246 -14.50 -17.98 -23.89
CA ARG A 246 -13.91 -19.31 -24.06
C ARG A 246 -12.44 -19.26 -24.47
N LYS A 247 -11.70 -18.27 -23.97
CA LYS A 247 -10.27 -18.18 -24.25
C LYS A 247 -9.50 -17.98 -22.95
N THR A 248 -8.42 -18.71 -22.83
CA THR A 248 -7.54 -18.62 -21.68
C THR A 248 -6.07 -18.70 -22.12
N ARG A 249 -5.17 -18.14 -21.31
CA ARG A 249 -3.73 -18.31 -21.48
C ARG A 249 -3.14 -18.84 -20.19
N VAL A 250 -2.29 -19.85 -20.30
CA VAL A 250 -1.69 -20.51 -19.14
C VAL A 250 -0.25 -20.04 -18.96
N LYS A 251 -0.02 -19.20 -17.94
CA LYS A 251 1.32 -18.70 -17.61
C LYS A 251 2.03 -19.65 -16.64
N VAL A 252 3.01 -20.41 -17.14
CA VAL A 252 3.78 -21.36 -16.33
C VAL A 252 5.10 -20.74 -15.86
N ILE A 253 5.16 -20.36 -14.59
CA ILE A 253 6.39 -19.82 -13.98
C ILE A 253 7.25 -20.98 -13.45
N GLU A 254 8.53 -20.97 -13.81
CA GLU A 254 9.44 -22.06 -13.51
C GLU A 254 10.00 -21.93 -12.09
N ASN A 255 9.32 -22.53 -11.13
CA ASN A 255 9.70 -22.42 -9.72
C ASN A 255 10.87 -23.34 -9.34
N MET A 256 11.15 -24.33 -10.19
CA MET A 256 12.25 -25.30 -9.99
C MET A 256 12.05 -26.19 -8.75
N TYR A 257 11.56 -27.40 -8.99
CA TYR A 257 11.26 -28.39 -7.94
C TYR A 257 10.10 -27.92 -7.04
N GLY A 258 8.87 -27.85 -7.57
CA GLY A 258 8.55 -28.15 -8.98
C GLY A 258 8.26 -26.89 -9.78
N SER A 259 6.97 -26.59 -9.97
CA SER A 259 6.56 -25.37 -10.67
C SER A 259 5.10 -25.02 -10.40
N ARG A 260 4.70 -23.81 -10.79
CA ARG A 260 3.31 -23.35 -10.66
C ARG A 260 2.92 -22.50 -11.87
N GLU A 261 1.66 -22.07 -11.92
CA GLU A 261 1.16 -21.32 -13.08
C GLU A 261 0.02 -20.34 -12.77
N ILE A 262 -0.02 -19.25 -13.55
CA ILE A 262 -1.11 -18.29 -13.50
C ILE A 262 -1.95 -18.45 -14.77
N ILE A 263 -3.27 -18.45 -14.59
CA ILE A 263 -4.20 -18.61 -15.70
C ILE A 263 -4.83 -17.26 -15.98
N THR A 264 -4.88 -16.88 -17.24
CA THR A 264 -5.57 -15.68 -17.66
C THR A 264 -6.92 -16.08 -18.23
N LEU A 265 -7.99 -15.57 -17.64
CA LEU A 265 -9.35 -15.83 -18.10
C LEU A 265 -9.81 -14.61 -18.85
N PHE A 266 -9.82 -14.71 -20.17
CA PHE A 266 -10.22 -13.58 -21.01
C PHE A 266 -11.68 -13.24 -20.75
N GLY A 267 -11.95 -11.96 -20.59
CA GLY A 267 -13.32 -11.48 -20.33
C GLY A 267 -13.64 -11.36 -18.85
N ILE A 268 -12.67 -11.71 -17.99
CA ILE A 268 -12.78 -11.46 -16.56
C ILE A 268 -11.62 -10.55 -16.10
N SER A 269 -11.89 -9.73 -15.08
CA SER A 269 -10.87 -8.91 -14.45
C SER A 269 -10.60 -9.44 -13.05
N VAL A 270 -9.51 -10.21 -12.94
CA VAL A 270 -9.07 -10.77 -11.68
C VAL A 270 -8.32 -9.72 -10.87
N LEU A 271 -8.83 -9.42 -9.69
CA LEU A 271 -8.15 -8.57 -8.71
C LEU A 271 -7.98 -9.37 -7.42
N ASP A 272 -6.89 -10.13 -7.34
CA ASP A 272 -6.61 -10.91 -6.15
C ASP A 272 -6.51 -9.96 -4.96
N TYR A 273 -7.26 -10.22 -3.89
CA TYR A 273 -7.32 -9.26 -2.81
C TYR A 273 -5.98 -9.11 -2.08
N ILE A 274 -5.15 -10.15 -2.11
CA ILE A 274 -3.80 -10.04 -1.56
C ILE A 274 -2.99 -8.98 -2.32
N ASP A 275 -3.13 -8.95 -3.65
CA ASP A 275 -2.43 -7.94 -4.47
C ASP A 275 -2.99 -6.55 -4.28
N LEU A 276 -4.32 -6.44 -4.16
CA LEU A 276 -4.94 -5.14 -3.84
C LEU A 276 -4.43 -4.67 -2.50
N TYR A 277 -4.44 -5.57 -1.52
CA TYR A 277 -3.98 -5.23 -0.18
C TYR A 277 -2.53 -4.75 -0.16
N LYS A 278 -1.64 -5.49 -0.81
CA LYS A 278 -0.22 -5.11 -0.84
C LYS A 278 0.06 -3.78 -1.56
N LYS A 279 -0.67 -3.53 -2.64
CA LYS A 279 -0.51 -2.27 -3.37
C LYS A 279 -1.15 -1.07 -2.66
N PHE A 280 -2.33 -1.27 -2.07
CA PHE A 280 -3.15 -0.14 -1.64
C PHE A 280 -3.17 0.15 -0.13
N SER A 281 -2.68 -0.80 0.68
CA SER A 281 -2.84 -0.71 2.14
C SER A 281 -1.73 0.07 2.83
N PHE A 282 -0.57 0.15 2.19
CA PHE A 282 0.62 0.75 2.78
C PHE A 282 0.93 0.20 4.17
N THR A 283 0.86 -1.12 4.28
CA THR A 283 1.32 -1.84 5.45
C THR A 283 2.47 -2.73 5.02
N ASN A 284 3.31 -3.11 5.96
CA ASN A 284 4.35 -4.07 5.71
C ASN A 284 4.22 -5.19 6.74
N GLN A 285 3.41 -6.18 6.39
CA GLN A 285 3.04 -7.24 7.30
C GLN A 285 4.10 -8.34 7.33
N PRO A 286 4.24 -9.01 8.48
CA PRO A 286 5.13 -10.17 8.60
C PRO A 286 4.54 -11.44 8.06
N SER A 287 3.22 -11.45 7.87
CA SER A 287 2.52 -12.57 7.29
C SER A 287 1.38 -12.08 6.43
N TYR A 288 0.99 -12.88 5.44
CA TYR A 288 -0.11 -12.55 4.56
C TYR A 288 -1.15 -13.68 4.49
N SER A 289 -1.23 -14.48 5.55
CA SER A 289 -2.36 -15.40 5.70
C SER A 289 -3.60 -14.57 5.99
N LEU A 290 -4.74 -15.08 5.55
CA LEU A 290 -6.01 -14.40 5.75
C LEU A 290 -6.32 -14.24 7.24
N ASP A 291 -5.94 -15.24 8.05
CA ASP A 291 -6.10 -15.17 9.51
C ASP A 291 -5.39 -13.97 10.10
N TYR A 292 -4.11 -13.83 9.74
CA TYR A 292 -3.30 -12.73 10.25
C TYR A 292 -3.88 -11.37 9.84
N ILE A 293 -4.23 -11.26 8.56
CA ILE A 293 -4.66 -9.96 8.03
C ILE A 293 -6.03 -9.60 8.58
N SER A 294 -6.93 -10.59 8.63
CA SER A 294 -8.26 -10.39 9.20
C SER A 294 -8.17 -9.92 10.65
N GLU A 295 -7.31 -10.54 11.44
CA GLU A 295 -7.21 -10.15 12.84
C GLU A 295 -6.57 -8.76 12.93
N PHE A 296 -5.59 -8.48 12.07
CA PHE A 296 -4.98 -7.15 12.02
C PHE A 296 -6.00 -6.07 11.66
N GLU A 297 -6.81 -6.33 10.63
CA GLU A 297 -7.73 -5.32 10.09
C GLU A 297 -9.01 -5.21 10.91
N LEU A 298 -9.47 -6.35 11.40
CA LEU A 298 -10.81 -6.46 11.98
C LEU A 298 -10.83 -6.82 13.45
N ASN A 299 -9.69 -7.20 14.00
CA ASN A 299 -9.62 -7.61 15.40
C ASN A 299 -10.53 -8.82 15.69
N VAL A 300 -10.66 -9.71 14.71
CA VAL A 300 -11.41 -10.95 14.89
C VAL A 300 -10.43 -12.08 15.12
N GLY A 301 -10.82 -13.04 15.95
CA GLY A 301 -9.94 -14.14 16.35
C GLY A 301 -9.60 -15.10 15.23
N LYS A 302 -8.49 -15.82 15.38
CA LYS A 302 -8.05 -16.80 14.39
C LYS A 302 -9.05 -17.97 14.34
N LEU A 303 -9.34 -18.46 13.13
CA LEU A 303 -10.24 -19.61 12.97
C LEU A 303 -9.60 -20.88 13.54
N LYS A 304 -10.03 -21.24 14.74
CA LYS A 304 -9.42 -22.36 15.48
C LYS A 304 -10.03 -23.70 15.10
N TYR A 305 -9.16 -24.70 14.95
CA TYR A 305 -9.60 -26.06 14.73
C TYR A 305 -8.52 -27.01 15.20
N ASP A 306 -8.92 -28.20 15.62
CA ASP A 306 -7.98 -29.18 16.14
C ASP A 306 -7.43 -30.02 15.00
N GLY A 307 -6.14 -30.33 15.08
CA GLY A 307 -5.48 -31.19 14.10
C GLY A 307 -5.17 -30.49 12.80
N PRO A 308 -4.49 -31.19 11.89
CA PRO A 308 -4.04 -30.61 10.64
C PRO A 308 -5.18 -30.42 9.63
N ILE A 309 -4.99 -29.48 8.71
CA ILE A 309 -6.00 -29.11 7.73
C ILE A 309 -6.35 -30.28 6.78
N SER A 310 -5.37 -31.15 6.54
CA SER A 310 -5.60 -32.34 5.72
C SER A 310 -6.54 -33.37 6.35
N LYS A 311 -6.84 -33.20 7.64
CA LYS A 311 -7.75 -34.10 8.35
C LYS A 311 -9.01 -33.41 8.90
N LEU A 312 -9.18 -32.13 8.59
CA LEU A 312 -10.30 -31.36 9.14
C LEU A 312 -11.64 -31.75 8.53
N ARG A 313 -11.66 -32.05 7.24
CA ARG A 313 -12.90 -32.43 6.57
C ARG A 313 -13.44 -33.73 7.14
N GLU A 314 -12.58 -34.74 7.26
CA GLU A 314 -12.98 -36.03 7.82
C GLU A 314 -13.34 -35.96 9.30
N SER A 315 -12.50 -35.30 10.11
CA SER A 315 -12.76 -35.22 11.55
C SER A 315 -13.90 -34.26 11.90
N ASN A 316 -14.06 -33.18 11.13
CA ASN A 316 -15.06 -32.14 11.46
C ASN A 316 -15.49 -31.35 10.22
N HIS A 317 -16.15 -32.05 9.30
CA HIS A 317 -16.71 -31.46 8.09
C HIS A 317 -17.56 -30.22 8.39
N GLN A 318 -18.36 -30.30 9.45
CA GLN A 318 -19.18 -29.18 9.88
C GLN A 318 -18.35 -27.89 9.96
N ARG A 319 -17.23 -27.95 10.65
CA ARG A 319 -16.37 -26.80 10.85
C ARG A 319 -15.65 -26.44 9.55
N TYR A 320 -15.27 -27.46 8.80
CA TYR A 320 -14.56 -27.30 7.51
C TYR A 320 -15.31 -26.34 6.59
N ILE A 321 -16.61 -26.57 6.46
CA ILE A 321 -17.46 -25.80 5.56
C ILE A 321 -17.73 -24.40 6.10
N SER A 322 -18.09 -24.31 7.38
CA SER A 322 -18.26 -23.00 8.05
C SER A 322 -17.05 -22.11 7.83
N TYR A 323 -15.86 -22.68 7.97
CA TYR A 323 -14.63 -21.91 7.85
C TYR A 323 -14.35 -21.50 6.42
N ASN A 324 -14.79 -22.31 5.47
CA ASN A 324 -14.74 -21.95 4.06
C ASN A 324 -15.63 -20.74 3.81
N ILE A 325 -16.84 -20.78 4.36
CA ILE A 325 -17.78 -19.67 4.23
C ILE A 325 -17.23 -18.40 4.89
N ILE A 326 -16.71 -18.55 6.10
CA ILE A 326 -16.24 -17.40 6.88
C ILE A 326 -15.04 -16.73 6.21
N ALA A 327 -14.12 -17.52 5.68
CA ALA A 327 -12.95 -17.00 4.98
C ALA A 327 -13.36 -16.09 3.83
N VAL A 328 -14.38 -16.49 3.08
CA VAL A 328 -14.89 -15.66 2.00
C VAL A 328 -15.47 -14.36 2.58
N TYR A 329 -16.27 -14.48 3.64
CA TYR A 329 -16.84 -13.29 4.27
C TYR A 329 -15.79 -12.29 4.78
N ARG A 330 -14.71 -12.82 5.34
CA ARG A 330 -13.69 -11.95 5.91
C ARG A 330 -13.07 -11.01 4.87
N VAL A 331 -12.92 -11.48 3.64
CA VAL A 331 -12.41 -10.62 2.59
C VAL A 331 -13.40 -9.50 2.30
N LEU A 332 -14.69 -9.83 2.33
CA LEU A 332 -15.74 -8.81 2.18
C LEU A 332 -15.69 -7.83 3.34
N GLN A 333 -15.43 -8.32 4.55
CA GLN A 333 -15.34 -7.43 5.69
C GLN A 333 -14.13 -6.50 5.58
N ILE A 334 -13.01 -7.03 5.10
CA ILE A 334 -11.82 -6.20 4.92
C ILE A 334 -12.09 -5.13 3.87
N ASP A 335 -12.77 -5.52 2.79
CA ASP A 335 -13.08 -4.56 1.74
C ASP A 335 -14.09 -3.51 2.14
N ALA A 336 -15.07 -3.88 2.97
CA ALA A 336 -16.03 -2.93 3.55
C ALA A 336 -15.28 -1.82 4.28
N LYS A 337 -14.24 -2.20 5.01
CA LYS A 337 -13.38 -1.25 5.69
C LYS A 337 -12.46 -0.48 4.72
N ARG A 338 -11.67 -1.22 3.95
CA ARG A 338 -10.59 -0.62 3.13
C ARG A 338 -11.04 0.01 1.81
N GLN A 339 -12.05 -0.58 1.18
CA GLN A 339 -12.65 -0.07 -0.05
C GLN A 339 -11.68 -0.03 -1.24
N PHE A 340 -10.94 -1.11 -1.40
CA PHE A 340 -10.00 -1.23 -2.51
C PHE A 340 -10.70 -1.58 -3.83
N ILE A 341 -11.80 -2.33 -3.78
CA ILE A 341 -12.55 -2.61 -5.01
C ILE A 341 -13.13 -1.32 -5.59
N ASN A 342 -13.76 -0.52 -4.73
CA ASN A 342 -14.27 0.80 -5.11
C ASN A 342 -13.20 1.69 -5.72
N LEU A 343 -12.03 1.69 -5.09
CA LEU A 343 -10.88 2.44 -5.58
C LEU A 343 -10.44 1.92 -6.94
N SER A 344 -10.41 0.61 -7.10
CA SER A 344 -10.02 0.00 -8.38
C SER A 344 -11.00 0.40 -9.49
N LEU A 345 -12.29 0.32 -9.20
CA LEU A 345 -13.31 0.72 -10.16
C LEU A 345 -13.19 2.22 -10.48
N ASP A 346 -13.09 3.07 -9.46
CA ASP A 346 -12.89 4.51 -9.67
C ASP A 346 -11.75 4.79 -10.64
N MET A 347 -10.58 4.24 -10.30
CA MET A 347 -9.36 4.53 -11.05
C MET A 347 -9.44 3.95 -12.45
N GLY A 348 -9.95 2.73 -12.57
CA GLY A 348 -10.05 2.05 -13.86
C GLY A 348 -10.88 2.80 -14.89
N TYR A 349 -12.06 3.23 -14.45
CA TYR A 349 -12.99 3.94 -15.33
C TYR A 349 -12.53 5.36 -15.60
N TYR A 350 -11.90 6.01 -14.62
CA TYR A 350 -11.25 7.30 -14.83
C TYR A 350 -10.21 7.24 -15.96
N ALA A 351 -9.38 6.20 -15.95
CA ALA A 351 -8.32 6.05 -16.95
C ALA A 351 -8.80 5.50 -18.32
N LYS A 352 -9.91 4.77 -18.30
CA LYS A 352 -10.42 3.99 -19.45
C LYS A 352 -9.47 2.85 -19.78
N ILE A 353 -9.31 1.97 -18.80
CA ILE A 353 -8.43 0.82 -18.89
C ILE A 353 -9.17 -0.41 -18.41
N GLN A 354 -8.61 -1.58 -18.69
CA GLN A 354 -9.05 -2.80 -18.07
C GLN A 354 -8.88 -2.57 -16.58
N ILE A 355 -9.86 -3.02 -15.78
CA ILE A 355 -9.82 -2.72 -14.36
C ILE A 355 -8.56 -3.30 -13.69
N GLN A 356 -8.13 -4.48 -14.13
CA GLN A 356 -6.90 -5.09 -13.56
C GLN A 356 -5.63 -4.29 -13.85
N SER A 357 -5.69 -3.33 -14.77
CA SER A 357 -4.52 -2.48 -15.09
C SER A 357 -4.28 -1.36 -14.07
N VAL A 358 -5.12 -1.25 -13.04
CA VAL A 358 -4.82 -0.32 -11.93
C VAL A 358 -3.57 -0.72 -11.16
N PHE A 359 -3.14 -1.98 -11.30
CA PHE A 359 -1.88 -2.43 -10.72
C PHE A 359 -0.67 -1.80 -11.42
N SER A 360 -0.87 -1.23 -12.62
CA SER A 360 0.23 -0.65 -13.38
C SER A 360 0.03 0.85 -13.56
N PRO A 361 0.76 1.67 -12.80
CA PRO A 361 0.67 3.13 -12.97
C PRO A 361 1.08 3.60 -14.38
N ILE A 362 1.98 2.88 -15.02
CA ILE A 362 2.42 3.22 -16.37
C ILE A 362 1.24 3.05 -17.35
N LYS A 363 0.55 1.92 -17.26
CA LYS A 363 -0.61 1.69 -18.14
C LYS A 363 -1.71 2.70 -17.84
N THR A 364 -1.94 2.96 -16.55
CA THR A 364 -2.95 3.93 -16.12
C THR A 364 -2.67 5.31 -16.69
N TRP A 365 -1.44 5.81 -16.52
CA TRP A 365 -1.08 7.13 -17.04
C TRP A 365 -1.03 7.18 -18.56
N ASP A 366 -0.55 6.12 -19.19
CA ASP A 366 -0.55 6.07 -20.65
C ASP A 366 -1.97 6.31 -21.17
N ALA A 367 -2.95 5.64 -20.57
CA ALA A 367 -4.35 5.78 -20.96
C ALA A 367 -4.91 7.16 -20.66
N ILE A 368 -4.64 7.67 -19.46
CA ILE A 368 -5.12 9.02 -19.10
C ILE A 368 -4.59 10.07 -20.10
N ILE A 369 -3.30 10.01 -20.38
CA ILE A 369 -2.65 10.99 -21.26
C ILE A 369 -3.11 10.83 -22.72
N PHE A 370 -3.23 9.59 -23.17
CA PHE A 370 -3.74 9.30 -24.52
C PHE A 370 -5.13 9.89 -24.73
N ASN A 371 -6.04 9.62 -23.79
CA ASN A 371 -7.39 10.16 -23.87
C ASN A 371 -7.42 11.68 -23.86
N SER A 372 -6.60 12.30 -23.02
CA SER A 372 -6.49 13.76 -22.96
C SER A 372 -6.02 14.33 -24.32
N LEU A 373 -4.96 13.76 -24.85
CA LEU A 373 -4.40 14.22 -26.12
C LEU A 373 -5.35 13.97 -27.30
N LYS A 374 -6.00 12.81 -27.30
CA LYS A 374 -6.96 12.45 -28.36
C LYS A 374 -8.08 13.48 -28.49
N GLU A 375 -8.65 13.87 -27.35
CA GLU A 375 -9.69 14.92 -27.29
C GLU A 375 -9.34 16.20 -28.06
N GLN A 376 -8.05 16.55 -28.07
CA GLN A 376 -7.54 17.67 -28.84
C GLN A 376 -7.03 17.27 -30.22
N ASN A 377 -7.43 16.11 -30.72
CA ASN A 377 -6.94 15.57 -32.00
C ASN A 377 -5.42 15.45 -32.11
N LYS A 378 -4.73 15.39 -30.97
CA LYS A 378 -3.28 15.22 -30.99
C LYS A 378 -2.92 13.75 -31.02
N VAL A 379 -1.72 13.46 -31.49
CA VAL A 379 -1.29 12.08 -31.75
C VAL A 379 -0.12 11.74 -30.84
N ILE A 380 -0.23 10.62 -30.12
CA ILE A 380 0.78 10.24 -29.13
C ILE A 380 2.01 9.62 -29.79
N PRO A 381 3.18 9.77 -29.15
CA PRO A 381 4.40 9.33 -29.77
C PRO A 381 4.54 7.81 -29.69
N GLN A 382 5.36 7.25 -30.57
CA GLN A 382 5.66 5.84 -30.47
C GLN A 382 6.46 5.55 -29.23
N GLY A 383 6.19 4.41 -28.59
CA GLY A 383 7.05 3.94 -27.50
C GLY A 383 8.41 3.57 -28.05
N ARG A 384 9.46 3.86 -27.29
CA ARG A 384 10.82 3.59 -27.72
C ARG A 384 11.58 2.77 -26.69
N SER A 385 12.66 2.15 -27.16
CA SER A 385 13.57 1.41 -26.30
C SER A 385 14.59 2.37 -25.68
N HIS A 386 14.85 2.22 -24.39
CA HIS A 386 15.92 2.99 -23.73
C HIS A 386 16.73 2.09 -22.80
N PRO A 387 18.04 2.30 -22.73
CA PRO A 387 18.83 1.57 -21.73
C PRO A 387 18.56 2.10 -20.32
N VAL A 388 18.56 1.23 -19.32
CA VAL A 388 18.36 1.65 -17.94
C VAL A 388 19.56 2.48 -17.48
N GLN A 389 19.27 3.62 -16.87
CA GLN A 389 20.29 4.59 -16.49
C GLN A 389 19.97 5.16 -15.08
N PRO A 390 20.86 4.95 -14.11
CA PRO A 390 20.59 5.57 -12.81
C PRO A 390 20.53 7.09 -12.90
N TYR A 391 19.77 7.73 -12.03
CA TYR A 391 19.72 9.19 -12.02
C TYR A 391 19.46 9.69 -10.63
N PRO A 392 19.84 10.95 -10.34
CA PRO A 392 19.77 11.43 -8.95
C PRO A 392 18.37 11.76 -8.46
N GLY A 393 18.15 11.54 -7.17
CA GLY A 393 16.86 11.74 -6.51
C GLY A 393 16.93 12.87 -5.50
N ALA A 394 16.43 12.62 -4.29
CA ALA A 394 16.26 13.68 -3.30
C ALA A 394 17.52 13.95 -2.47
N PHE A 395 17.47 15.05 -1.75
CA PHE A 395 18.49 15.38 -0.79
C PHE A 395 17.98 15.02 0.60
N VAL A 396 18.84 14.38 1.38
CA VAL A 396 18.57 14.13 2.78
C VAL A 396 19.73 14.70 3.60
N LYS A 397 19.38 15.53 4.59
CA LYS A 397 20.35 16.19 5.45
C LYS A 397 20.91 15.23 6.48
N GLU A 398 22.19 15.36 6.80
CA GLU A 398 22.81 14.55 7.85
C GLU A 398 22.50 15.20 9.21
N PRO A 399 21.69 14.56 10.04
CA PRO A 399 21.40 15.15 11.33
C PRO A 399 22.51 14.88 12.35
N ILE A 400 22.68 15.77 13.31
CA ILE A 400 23.55 15.48 14.45
C ILE A 400 22.77 14.56 15.38
N PRO A 401 23.30 13.34 15.64
CA PRO A 401 22.53 12.45 16.51
C PRO A 401 22.40 13.05 17.90
N ASN A 402 21.18 13.10 18.41
CA ASN A 402 20.96 13.75 19.68
C ASN A 402 19.52 13.59 20.13
N ARG A 403 19.28 14.00 21.38
CA ARG A 403 17.94 14.28 21.82
C ARG A 403 17.58 15.65 21.29
N TYR A 404 16.32 15.84 20.94
CA TYR A 404 15.81 17.14 20.52
C TYR A 404 14.48 17.41 21.22
N LYS A 405 14.49 18.40 22.11
CA LYS A 405 13.39 18.59 23.05
C LYS A 405 12.11 19.10 22.38
N TYR A 406 12.18 20.28 21.77
CA TYR A 406 11.02 20.87 21.09
C TYR A 406 11.27 20.90 19.60
N VAL A 407 10.37 20.28 18.82
CA VAL A 407 10.54 20.22 17.38
C VAL A 407 9.21 20.53 16.67
N MET A 408 9.32 21.34 15.62
CA MET A 408 8.22 21.59 14.70
C MET A 408 8.67 21.21 13.30
N SER A 409 7.86 20.40 12.61
CA SER A 409 8.20 19.95 11.27
C SER A 409 7.28 20.59 10.24
N PHE A 410 7.81 20.74 9.02
CA PHE A 410 7.07 21.29 7.89
C PHE A 410 7.43 20.49 6.65
N ASP A 411 6.49 20.34 5.73
CA ASP A 411 6.83 19.74 4.45
C ASP A 411 5.89 20.19 3.33
N LEU A 412 6.31 19.95 2.10
CA LEU A 412 5.58 20.40 0.93
C LEU A 412 4.37 19.52 0.68
N THR A 413 3.25 20.16 0.38
CA THR A 413 2.07 19.46 -0.09
C THR A 413 2.38 18.86 -1.44
N SER A 414 2.15 17.56 -1.59
CA SER A 414 2.33 16.86 -2.87
C SER A 414 3.54 17.38 -3.65
N ALA A 415 4.73 17.17 -3.09
CA ALA A 415 5.92 17.88 -3.51
C ALA A 415 6.23 17.74 -5.00
N TYR A 416 6.45 16.51 -5.47
CA TYR A 416 6.88 16.31 -6.85
C TYR A 416 5.81 16.73 -7.87
N PRO A 417 4.55 16.35 -7.65
CA PRO A 417 3.50 16.86 -8.54
C PRO A 417 3.39 18.38 -8.54
N SER A 418 3.57 19.01 -7.38
CA SER A 418 3.52 20.46 -7.32
C SER A 418 4.68 21.06 -8.09
N ILE A 419 5.84 20.41 -8.05
CA ILE A 419 7.01 20.84 -8.82
C ILE A 419 6.72 20.75 -10.32
N ILE A 420 6.11 19.63 -10.73
CA ILE A 420 5.67 19.45 -12.12
C ILE A 420 4.76 20.59 -12.58
N ARG A 421 3.83 20.99 -11.73
CA ARG A 421 2.86 22.02 -12.10
C ARG A 421 3.47 23.41 -12.05
N GLN A 422 4.31 23.64 -11.06
CA GLN A 422 4.93 24.94 -10.90
C GLN A 422 5.86 25.24 -12.07
N VAL A 423 6.70 24.28 -12.40
CA VAL A 423 7.73 24.43 -13.44
C VAL A 423 7.13 24.19 -14.84
N ASN A 424 6.04 23.43 -14.91
CA ASN A 424 5.37 23.06 -16.16
C ASN A 424 6.15 22.02 -16.96
N ILE A 425 6.48 20.94 -16.28
CA ILE A 425 7.28 19.85 -16.83
C ILE A 425 6.37 18.86 -17.57
N SER A 426 6.56 18.77 -18.87
CA SER A 426 5.79 17.88 -19.73
C SER A 426 6.66 17.54 -20.93
N PRO A 427 6.37 16.47 -21.65
CA PRO A 427 7.16 16.18 -22.85
C PRO A 427 7.09 17.28 -23.91
N GLU A 428 5.94 17.93 -24.05
CA GLU A 428 5.73 18.92 -25.10
C GLU A 428 5.95 20.36 -24.68
N THR A 429 6.31 20.61 -23.42
CA THR A 429 6.55 21.99 -22.96
C THR A 429 8.04 22.37 -22.89
N ILE A 430 8.92 21.46 -23.28
CA ILE A 430 10.34 21.73 -23.24
C ILE A 430 10.69 22.84 -24.23
N ALA A 431 11.32 23.91 -23.75
CA ALA A 431 11.67 25.07 -24.59
C ALA A 431 13.15 25.15 -24.91
N GLY A 432 13.99 24.48 -24.13
CA GLY A 432 15.42 24.47 -24.37
C GLY A 432 16.20 24.20 -23.09
N THR A 433 17.44 24.70 -23.05
CA THR A 433 18.31 24.51 -21.90
C THR A 433 19.04 25.80 -21.54
N PHE A 434 19.62 25.82 -20.35
CA PHE A 434 20.58 26.87 -19.98
C PHE A 434 21.80 26.21 -19.36
N LYS A 435 22.88 26.97 -19.25
CA LYS A 435 24.12 26.47 -18.70
C LYS A 435 24.05 26.44 -17.17
N VAL A 436 24.19 25.26 -16.57
CA VAL A 436 23.96 25.11 -15.13
C VAL A 436 25.16 25.54 -14.30
N ALA A 437 24.89 26.25 -13.22
CA ALA A 437 25.86 26.49 -12.17
C ALA A 437 25.80 25.32 -11.20
N PRO A 438 26.76 25.23 -10.26
CA PRO A 438 26.63 24.26 -9.18
C PRO A 438 25.38 24.52 -8.33
N LEU A 439 24.72 23.44 -7.90
CA LEU A 439 23.44 23.54 -7.17
C LEU A 439 23.50 24.53 -6.01
N HIS A 440 24.61 24.52 -5.28
CA HIS A 440 24.76 25.36 -4.09
C HIS A 440 24.65 26.84 -4.42
N ASP A 441 25.03 27.21 -5.64
CA ASP A 441 24.93 28.59 -6.10
C ASP A 441 23.47 29.03 -6.28
N TYR A 442 22.62 28.12 -6.72
CA TYR A 442 21.18 28.40 -6.80
C TYR A 442 20.60 28.44 -5.37
N ILE A 443 21.00 27.47 -4.55
CA ILE A 443 20.57 27.40 -3.16
C ILE A 443 20.90 28.70 -2.41
N ASN A 444 22.05 29.30 -2.70
CA ASN A 444 22.48 30.54 -2.05
C ASN A 444 22.25 31.82 -2.89
N ALA A 445 21.49 31.68 -3.98
CA ALA A 445 21.06 32.80 -4.79
C ALA A 445 22.22 33.64 -5.35
N VAL A 446 23.33 32.98 -5.64
CA VAL A 446 24.49 33.64 -6.26
C VAL A 446 24.61 33.32 -7.74
N ALA A 447 24.07 32.19 -8.18
CA ALA A 447 24.07 31.85 -9.61
C ALA A 447 23.26 32.87 -10.41
N GLU A 448 23.67 33.08 -11.65
CA GLU A 448 22.93 33.92 -12.58
C GLU A 448 21.50 33.38 -12.73
N ARG A 449 20.53 34.27 -12.86
CA ARG A 449 19.16 33.87 -13.13
C ARG A 449 19.09 33.08 -14.44
N PRO A 450 18.59 31.83 -14.37
CA PRO A 450 18.58 30.95 -15.54
C PRO A 450 17.90 31.53 -16.78
N SER A 451 16.73 32.13 -16.61
CA SER A 451 16.03 32.74 -17.73
C SER A 451 15.00 33.74 -17.28
N ASP A 452 14.78 34.77 -18.08
CA ASP A 452 13.69 35.72 -17.83
C ASP A 452 12.55 35.54 -18.83
N VAL A 453 12.62 34.47 -19.62
CA VAL A 453 11.58 34.13 -20.59
C VAL A 453 10.85 32.83 -20.23
N TYR A 454 11.62 31.79 -19.91
CA TYR A 454 11.10 30.44 -19.67
C TYR A 454 11.19 30.04 -18.19
N SER A 455 10.40 29.02 -17.84
CA SER A 455 10.34 28.46 -16.49
C SER A 455 11.40 27.37 -16.38
N CYS A 456 12.17 27.39 -15.30
CA CYS A 456 13.39 26.59 -15.21
C CYS A 456 13.50 25.69 -13.99
N SER A 457 14.26 24.63 -14.15
CA SER A 457 14.70 23.79 -13.05
C SER A 457 16.22 23.89 -13.01
N PRO A 458 16.83 23.80 -11.81
CA PRO A 458 18.29 23.88 -11.73
C PRO A 458 19.05 22.70 -12.33
N ASN A 459 18.36 21.76 -12.97
CA ASN A 459 19.05 20.74 -13.76
C ASN A 459 19.46 21.22 -15.15
N GLY A 460 19.02 22.42 -15.55
CA GLY A 460 19.41 22.99 -16.84
C GLY A 460 18.28 23.04 -17.85
N MET A 461 17.10 22.54 -17.48
CA MET A 461 15.94 22.55 -18.38
C MET A 461 15.10 23.82 -18.29
N MET A 462 14.54 24.22 -19.44
CA MET A 462 13.62 25.35 -19.56
C MET A 462 12.33 24.88 -20.19
N TYR A 463 11.22 25.45 -19.73
CA TYR A 463 9.89 25.06 -20.17
C TYR A 463 9.06 26.29 -20.50
N TYR A 464 8.14 26.13 -21.45
CA TYR A 464 7.21 27.21 -21.82
C TYR A 464 6.28 27.53 -20.65
N LYS A 465 6.06 28.82 -20.42
CA LYS A 465 5.21 29.30 -19.33
C LYS A 465 3.76 29.51 -19.77
N ASP A 466 3.58 29.85 -21.04
CA ASP A 466 2.31 30.37 -21.50
C ASP A 466 1.42 29.32 -22.16
N ARG A 467 1.84 28.05 -22.13
CA ARG A 467 1.00 26.97 -22.63
C ARG A 467 0.96 25.80 -21.65
N ASP A 468 -0.15 25.08 -21.67
CA ASP A 468 -0.34 23.96 -20.75
C ASP A 468 0.37 22.70 -21.27
N GLY A 469 0.91 21.93 -20.34
CA GLY A 469 1.41 20.60 -20.63
C GLY A 469 0.37 19.57 -20.22
N VAL A 470 0.28 18.49 -20.99
CA VAL A 470 -0.64 17.41 -20.69
C VAL A 470 -0.33 16.75 -19.34
N VAL A 471 0.96 16.64 -19.01
CA VAL A 471 1.35 16.05 -17.73
C VAL A 471 0.84 16.95 -16.57
N PRO A 472 1.25 18.23 -16.53
CA PRO A 472 0.67 19.13 -15.50
C PRO A 472 -0.85 19.15 -15.48
N THR A 473 -1.46 19.16 -16.66
CA THR A 473 -2.91 19.27 -16.76
C THR A 473 -3.56 18.06 -16.10
N GLU A 474 -3.12 16.88 -16.46
CA GLU A 474 -3.75 15.66 -15.96
C GLU A 474 -3.35 15.32 -14.52
N ILE A 475 -2.14 15.70 -14.12
CA ILE A 475 -1.69 15.46 -12.75
C ILE A 475 -2.46 16.35 -11.78
N THR A 476 -2.81 17.56 -12.23
CA THR A 476 -3.60 18.49 -11.40
C THR A 476 -5.00 17.94 -11.08
N LYS A 477 -5.64 17.31 -12.07
CA LYS A 477 -6.95 16.71 -11.88
C LYS A 477 -6.96 15.67 -10.77
N VAL A 478 -6.02 14.72 -10.82
CA VAL A 478 -5.94 13.67 -9.80
C VAL A 478 -5.52 14.26 -8.47
N PHE A 479 -4.55 15.19 -8.50
CA PHE A 479 -4.20 15.93 -7.28
C PHE A 479 -5.42 16.57 -6.59
N ASN A 480 -6.28 17.21 -7.38
CA ASN A 480 -7.45 17.88 -6.80
C ASN A 480 -8.42 16.86 -6.17
N GLN A 481 -8.55 15.67 -6.76
CA GLN A 481 -9.33 14.59 -6.15
C GLN A 481 -8.69 14.16 -4.84
N ARG A 482 -7.37 14.02 -4.87
CA ARG A 482 -6.61 13.62 -3.70
C ARG A 482 -6.84 14.59 -2.55
N LYS A 483 -6.79 15.88 -2.87
CA LYS A 483 -6.96 16.93 -1.88
C LYS A 483 -8.34 16.86 -1.24
N GLU A 484 -9.36 16.65 -2.07
CA GLU A 484 -10.72 16.53 -1.58
C GLU A 484 -10.81 15.44 -0.51
N HIS A 485 -10.35 14.24 -0.86
CA HIS A 485 -10.45 13.09 0.04
C HIS A 485 -9.60 13.21 1.30
N LYS A 486 -8.41 13.79 1.20
CA LYS A 486 -7.59 14.02 2.38
C LYS A 486 -8.27 14.98 3.37
N GLY A 487 -8.96 15.99 2.84
CA GLY A 487 -9.80 16.86 3.68
C GLY A 487 -10.84 16.06 4.47
N TYR A 488 -11.53 15.15 3.77
CA TYR A 488 -12.50 14.25 4.43
C TYR A 488 -11.81 13.39 5.49
N MET A 489 -10.63 12.87 5.19
CA MET A 489 -9.89 12.01 6.13
C MET A 489 -9.47 12.78 7.39
N LEU A 490 -8.94 13.98 7.21
CA LEU A 490 -8.48 14.78 8.32
C LEU A 490 -9.64 15.28 9.18
N ALA A 491 -10.76 15.63 8.55
CA ALA A 491 -11.94 16.02 9.29
C ALA A 491 -12.40 14.86 10.19
N ALA A 492 -12.48 13.66 9.63
CA ALA A 492 -12.90 12.48 10.40
C ALA A 492 -11.92 12.20 11.55
N GLN A 493 -10.66 12.49 11.30
CA GLN A 493 -9.63 12.33 12.31
C GLN A 493 -9.84 13.32 13.44
N ARG A 494 -10.10 14.57 13.10
CA ARG A 494 -10.39 15.61 14.10
C ARG A 494 -11.66 15.25 14.85
N ASN A 495 -12.67 14.83 14.09
CA ASN A 495 -13.93 14.40 14.67
C ASN A 495 -13.74 13.27 15.67
N GLY A 496 -12.88 12.32 15.34
CA GLY A 496 -12.54 11.24 16.27
C GLY A 496 -11.94 11.70 17.58
N GLU A 497 -11.06 12.69 17.54
CA GLU A 497 -10.44 13.21 18.77
C GLU A 497 -11.46 13.90 19.68
N ILE A 498 -12.39 14.61 19.08
CA ILE A 498 -13.52 15.20 19.81
C ILE A 498 -14.28 14.13 20.60
N ILE A 499 -14.50 12.98 19.97
CA ILE A 499 -15.25 11.89 20.59
C ILE A 499 -14.44 11.24 21.70
N LYS A 500 -13.15 11.08 21.47
CA LYS A 500 -12.24 10.57 22.49
C LYS A 500 -12.21 11.48 23.72
N GLU A 501 -12.16 12.79 23.50
CA GLU A 501 -12.22 13.75 24.59
C GLU A 501 -13.53 13.62 25.39
N ALA A 502 -14.64 13.40 24.70
CA ALA A 502 -15.94 13.27 25.37
C ALA A 502 -16.07 11.97 26.14
N LEU A 503 -15.36 10.94 25.68
CA LEU A 503 -15.36 9.64 26.36
C LEU A 503 -14.75 9.69 27.75
N HIS A 504 -14.02 10.77 28.07
CA HIS A 504 -13.52 10.98 29.43
C HIS A 504 -14.67 11.19 30.42
N ASN A 505 -15.77 11.78 29.96
CA ASN A 505 -16.95 12.00 30.80
C ASN A 505 -18.24 11.51 30.13
N PRO A 506 -18.41 10.18 30.04
CA PRO A 506 -19.62 9.67 29.42
C PRO A 506 -20.83 9.90 30.32
N ASN A 507 -22.01 10.00 29.71
CA ASN A 507 -23.24 10.22 30.47
C ASN A 507 -23.97 8.92 30.73
N LEU A 508 -24.57 8.82 31.91
CA LEU A 508 -25.35 7.64 32.28
C LEU A 508 -26.75 7.80 31.71
N SER A 509 -26.91 7.39 30.46
CA SER A 509 -28.22 7.46 29.80
C SER A 509 -28.26 6.51 28.62
N VAL A 510 -29.48 6.23 28.17
CA VAL A 510 -29.70 5.41 27.01
C VAL A 510 -30.02 6.38 25.88
N ASP A 511 -29.24 6.31 24.81
CA ASP A 511 -29.40 7.19 23.66
C ASP A 511 -28.85 6.52 22.40
N GLU A 512 -28.90 7.23 21.28
CA GLU A 512 -28.42 6.72 20.00
C GLU A 512 -27.25 7.55 19.47
N PRO A 513 -26.40 6.94 18.61
CA PRO A 513 -25.37 7.74 17.96
C PRO A 513 -26.00 8.79 17.05
N LEU A 514 -25.44 9.98 17.04
CA LEU A 514 -25.96 11.08 16.21
C LEU A 514 -25.77 10.72 14.74
N ASP A 515 -26.75 11.09 13.92
CA ASP A 515 -26.68 10.87 12.49
C ASP A 515 -25.95 12.04 11.82
N VAL A 516 -24.63 11.89 11.70
CA VAL A 516 -23.77 12.95 11.15
C VAL A 516 -22.91 12.45 10.00
N ASP A 517 -22.39 13.39 9.22
CA ASP A 517 -21.40 13.09 8.18
C ASP A 517 -20.02 13.39 8.76
N TYR A 518 -19.26 12.34 9.01
CA TYR A 518 -17.96 12.43 9.68
C TYR A 518 -16.85 13.04 8.80
N ARG A 519 -17.15 13.26 7.52
CA ARG A 519 -16.20 13.83 6.60
C ARG A 519 -16.11 15.35 6.75
N PHE A 520 -16.97 15.94 7.57
CA PHE A 520 -16.98 17.38 7.82
C PHE A 520 -16.89 17.64 9.31
N ASP A 521 -16.08 18.64 9.69
CA ASP A 521 -15.90 18.98 11.11
C ASP A 521 -17.25 19.17 11.80
N PHE A 522 -17.42 18.57 12.96
CA PHE A 522 -18.66 18.69 13.72
C PHE A 522 -18.95 20.17 13.98
N SER A 523 -20.21 20.55 13.86
CA SER A 523 -20.64 21.89 14.26
C SER A 523 -20.67 22.00 15.77
N ASP A 524 -20.81 23.22 16.28
CA ASP A 524 -20.90 23.43 17.73
C ASP A 524 -22.12 22.71 18.29
N GLU A 525 -23.19 22.65 17.51
CA GLU A 525 -24.44 22.04 17.97
C GLU A 525 -24.19 20.57 18.19
N ILE A 526 -23.55 19.91 17.23
CA ILE A 526 -23.19 18.50 17.35
C ILE A 526 -22.25 18.24 18.54
N LYS A 527 -21.25 19.10 18.72
CA LYS A 527 -20.33 18.95 19.85
C LYS A 527 -21.05 19.05 21.21
N GLU A 528 -22.02 19.96 21.30
CA GLU A 528 -22.79 20.08 22.54
C GLU A 528 -23.56 18.81 22.82
N LYS A 529 -24.18 18.23 21.79
CA LYS A 529 -24.94 16.99 21.94
C LYS A 529 -24.02 15.81 22.31
N ILE A 530 -22.82 15.81 21.77
CA ILE A 530 -21.82 14.77 22.03
C ILE A 530 -21.40 14.76 23.51
N LYS A 531 -21.29 15.94 24.10
CA LYS A 531 -20.90 16.04 25.51
C LYS A 531 -21.95 15.45 26.47
N LYS A 532 -23.15 15.19 25.97
CA LYS A 532 -24.21 14.57 26.78
C LYS A 532 -24.46 13.10 26.44
N LEU A 533 -23.76 12.56 25.45
CA LEU A 533 -24.00 11.18 25.02
C LEU A 533 -23.43 10.17 26.00
N SER A 534 -23.95 8.95 25.91
CA SER A 534 -23.47 7.82 26.68
C SER A 534 -22.20 7.24 26.08
N ALA A 535 -21.55 6.36 26.83
CA ALA A 535 -20.37 5.65 26.36
C ALA A 535 -20.69 4.80 25.14
N LYS A 536 -21.75 3.99 25.24
CA LYS A 536 -22.21 3.15 24.13
C LYS A 536 -22.36 3.96 22.83
N SER A 537 -23.13 5.04 22.88
CA SER A 537 -23.31 5.90 21.70
C SER A 537 -22.01 6.56 21.23
N LEU A 538 -21.17 7.00 22.16
CA LEU A 538 -19.87 7.60 21.80
C LEU A 538 -18.92 6.61 21.12
N ASN A 539 -18.84 5.41 21.67
CA ASN A 539 -18.01 4.36 21.10
C ASN A 539 -18.45 3.96 19.71
N GLU A 540 -19.76 3.91 19.49
CA GLU A 540 -20.28 3.66 18.15
C GLU A 540 -19.87 4.78 17.20
N MET A 541 -20.00 6.03 17.65
CA MET A 541 -19.63 7.19 16.83
C MET A 541 -18.15 7.17 16.47
N LEU A 542 -17.31 6.84 17.44
CA LEU A 542 -15.86 6.74 17.24
C LEU A 542 -15.51 5.71 16.17
N PHE A 543 -16.15 4.54 16.24
CA PHE A 543 -16.00 3.50 15.21
C PHE A 543 -16.37 4.04 13.83
N ARG A 544 -17.47 4.78 13.74
CA ARG A 544 -17.94 5.27 12.45
C ARG A 544 -16.99 6.32 11.90
N ALA A 545 -16.52 7.19 12.79
CA ALA A 545 -15.55 8.22 12.43
C ALA A 545 -14.24 7.61 11.95
N GLN A 546 -13.80 6.54 12.62
CA GLN A 546 -12.56 5.88 12.25
C GLN A 546 -12.73 5.18 10.90
N ARG A 547 -13.89 4.56 10.67
CA ARG A 547 -14.17 3.99 9.35
C ARG A 547 -14.22 5.03 8.25
N THR A 548 -14.75 6.22 8.57
CA THR A 548 -14.78 7.31 7.61
C THR A 548 -13.35 7.77 7.30
N GLU A 549 -12.51 7.82 8.34
CA GLU A 549 -11.11 8.18 8.18
C GLU A 549 -10.35 7.16 7.34
N VAL A 550 -10.58 5.87 7.60
CA VAL A 550 -9.91 4.84 6.80
C VAL A 550 -10.31 4.94 5.33
N ALA A 551 -11.60 5.14 5.07
CA ALA A 551 -12.09 5.26 3.71
C ALA A 551 -11.45 6.45 3.02
N GLY A 552 -11.37 7.58 3.72
CA GLY A 552 -10.70 8.76 3.21
C GLY A 552 -9.22 8.55 3.01
N MET A 553 -8.61 7.75 3.88
CA MET A 553 -7.19 7.40 3.76
C MET A 553 -6.96 6.60 2.46
N THR A 554 -7.76 5.55 2.26
CA THR A 554 -7.65 4.75 1.03
C THR A 554 -7.70 5.62 -0.22
N ALA A 555 -8.69 6.50 -0.26
CA ALA A 555 -8.95 7.35 -1.41
C ALA A 555 -7.86 8.39 -1.68
N GLN A 556 -7.34 9.00 -0.62
CA GLN A 556 -6.34 10.05 -0.78
C GLN A 556 -4.93 9.48 -0.98
N ILE A 557 -4.55 8.50 -0.18
CA ILE A 557 -3.16 8.03 -0.23
C ILE A 557 -2.83 7.36 -1.55
N ASN A 558 -3.81 6.70 -2.16
CA ASN A 558 -3.56 6.00 -3.43
C ASN A 558 -3.64 6.88 -4.66
N ARG A 559 -4.36 7.98 -4.56
CA ARG A 559 -4.32 9.00 -5.60
C ARG A 559 -3.00 9.76 -5.48
N LYS A 560 -2.55 9.99 -4.25
CA LYS A 560 -1.19 10.48 -4.01
C LYS A 560 -0.16 9.53 -4.66
N ALA A 561 -0.29 8.24 -4.39
CA ALA A 561 0.63 7.28 -5.01
C ALA A 561 0.57 7.36 -6.53
N LEU A 562 -0.62 7.60 -7.09
CA LEU A 562 -0.77 7.63 -8.56
C LEU A 562 -0.01 8.80 -9.18
N ILE A 563 -0.18 9.99 -8.62
CA ILE A 563 0.49 11.19 -9.15
C ILE A 563 2.00 11.19 -8.88
N ASN A 564 2.41 10.69 -7.72
CA ASN A 564 3.84 10.49 -7.45
C ASN A 564 4.43 9.47 -8.40
N GLY A 565 3.62 8.45 -8.72
CA GLY A 565 3.96 7.46 -9.74
C GLY A 565 4.20 8.04 -11.13
N LEU A 566 3.55 9.16 -11.44
CA LEU A 566 3.76 9.79 -12.75
C LEU A 566 5.14 10.42 -12.81
N ALA A 567 5.54 11.04 -11.72
CA ALA A 567 6.88 11.60 -11.62
C ALA A 567 7.95 10.50 -11.73
N GLY A 568 7.73 9.37 -11.07
CA GLY A 568 8.65 8.24 -11.17
C GLY A 568 8.67 7.56 -12.54
N ALA A 569 7.51 7.49 -13.18
CA ALA A 569 7.41 6.83 -14.50
C ALA A 569 8.21 7.55 -15.59
N LEU A 570 8.38 8.86 -15.42
CA LEU A 570 9.25 9.63 -16.31
C LEU A 570 10.68 9.12 -16.28
N GLY A 571 11.03 8.36 -15.23
CA GLY A 571 12.33 7.66 -15.13
C GLY A 571 12.26 6.15 -15.31
N ASN A 572 11.17 5.67 -15.90
CA ASN A 572 11.05 4.25 -16.24
C ASN A 572 11.11 4.11 -17.75
N VAL A 573 12.02 3.27 -18.22
CA VAL A 573 12.30 3.13 -19.66
C VAL A 573 11.13 2.61 -20.47
N TRP A 574 10.13 1.99 -19.83
CA TRP A 574 8.95 1.49 -20.54
C TRP A 574 7.83 2.50 -20.69
N PHE A 575 7.95 3.65 -20.02
CA PHE A 575 6.95 4.70 -20.09
C PHE A 575 7.10 5.41 -21.43
N ARG A 576 5.97 5.59 -22.13
CA ARG A 576 5.96 6.27 -23.43
C ARG A 576 6.64 7.64 -23.35
N TYR A 577 6.48 8.34 -22.23
CA TYR A 577 7.07 9.68 -22.05
C TYR A 577 8.31 9.67 -21.14
N TYR A 578 9.01 8.55 -21.10
CA TYR A 578 10.30 8.47 -20.42
C TYR A 578 11.22 9.58 -20.86
N ASP A 579 11.82 10.28 -19.91
CA ASP A 579 12.74 11.38 -20.24
C ASP A 579 13.46 11.82 -18.98
N LEU A 580 14.76 11.51 -18.90
CA LEU A 580 15.56 11.86 -17.73
C LEU A 580 15.73 13.37 -17.54
N ARG A 581 15.57 14.15 -18.60
CA ARG A 581 15.61 15.60 -18.48
C ARG A 581 14.45 16.06 -17.59
N ASN A 582 13.28 15.46 -17.81
CA ASN A 582 12.11 15.80 -17.03
C ASN A 582 12.13 15.16 -15.64
N ALA A 583 12.59 13.91 -15.56
CA ALA A 583 12.69 13.26 -14.25
C ALA A 583 13.65 14.03 -13.35
N THR A 584 14.82 14.36 -13.89
CA THR A 584 15.84 15.05 -13.10
C THR A 584 15.51 16.53 -12.88
N ALA A 585 14.65 17.09 -13.73
CA ALA A 585 14.18 18.46 -13.52
C ALA A 585 13.37 18.54 -12.23
N ILE A 586 12.57 17.50 -11.99
CA ILE A 586 11.80 17.36 -10.75
C ILE A 586 12.70 17.16 -9.52
N THR A 587 13.56 16.15 -9.54
CA THR A 587 14.34 15.83 -8.36
C THR A 587 15.35 16.92 -8.01
N THR A 588 15.99 17.47 -9.04
CA THR A 588 16.97 18.54 -8.83
C THR A 588 16.28 19.77 -8.27
N PHE A 589 15.13 20.13 -8.83
CA PHE A 589 14.35 21.25 -8.29
C PHE A 589 14.02 21.00 -6.81
N GLY A 590 13.58 19.78 -6.49
CA GLY A 590 13.30 19.40 -5.10
C GLY A 590 14.50 19.58 -4.18
N GLN A 591 15.68 19.16 -4.63
CA GLN A 591 16.88 19.34 -3.83
C GLN A 591 17.15 20.80 -3.52
N MET A 592 17.01 21.66 -4.53
CA MET A 592 17.23 23.09 -4.38
C MET A 592 16.20 23.68 -3.40
N ALA A 593 14.95 23.27 -3.57
CA ALA A 593 13.84 23.78 -2.76
C ALA A 593 14.04 23.57 -1.26
N LEU A 594 14.37 22.34 -0.90
CA LEU A 594 14.59 21.98 0.51
C LEU A 594 15.75 22.80 1.11
N GLN A 595 16.84 22.87 0.38
CA GLN A 595 18.04 23.52 0.90
C GLN A 595 17.93 25.06 0.88
N TRP A 596 17.23 25.58 -0.12
CA TRP A 596 16.87 26.99 -0.19
C TRP A 596 16.03 27.35 1.03
N ILE A 597 15.01 26.55 1.31
CA ILE A 597 14.11 26.90 2.40
C ILE A 597 14.73 26.65 3.78
N GLU A 598 15.67 25.72 3.86
CA GLU A 598 16.49 25.57 5.07
C GLU A 598 17.18 26.89 5.39
N ARG A 599 17.92 27.42 4.42
CA ARG A 599 18.59 28.71 4.56
C ARG A 599 17.63 29.78 5.04
N LYS A 600 16.50 29.90 4.35
CA LYS A 600 15.54 30.95 4.62
C LYS A 600 14.95 30.87 6.03
N VAL A 601 14.69 29.65 6.50
CA VAL A 601 14.13 29.45 7.82
C VAL A 601 15.14 29.81 8.91
N ASN A 602 16.39 29.33 8.74
CA ASN A 602 17.48 29.71 9.65
C ASN A 602 17.61 31.22 9.72
N GLU A 603 17.64 31.87 8.55
CA GLU A 603 17.70 33.34 8.48
C GLU A 603 16.57 33.99 9.25
N TYR A 604 15.35 33.52 9.02
CA TYR A 604 14.18 34.11 9.66
C TYR A 604 14.19 33.95 11.17
N LEU A 605 14.50 32.74 11.65
CA LEU A 605 14.42 32.45 13.08
C LEU A 605 15.51 33.14 13.89
N ASN A 606 16.71 33.22 13.32
CA ASN A 606 17.77 34.06 13.87
C ASN A 606 17.34 35.51 14.01
N GLU A 607 16.75 36.06 12.96
CA GLU A 607 16.24 37.42 12.99
C GLU A 607 15.26 37.65 14.15
N VAL A 608 14.19 36.85 14.21
CA VAL A 608 13.14 37.08 15.22
C VAL A 608 13.59 36.75 16.64
N CYS A 609 14.53 35.82 16.79
CA CYS A 609 15.12 35.53 18.10
C CYS A 609 16.27 36.47 18.46
N GLY A 610 16.60 37.40 17.56
CA GLY A 610 17.66 38.37 17.80
C GLY A 610 19.07 37.82 17.82
N THR A 611 19.29 36.67 17.18
CA THR A 611 20.60 36.00 17.18
C THR A 611 21.16 35.93 15.76
N GLU A 612 22.28 35.24 15.60
CA GLU A 612 22.94 35.18 14.31
C GLU A 612 23.69 33.86 14.18
N GLY A 613 23.49 33.15 13.07
CA GLY A 613 24.31 31.97 12.76
C GLY A 613 23.94 30.69 13.49
N GLU A 614 22.90 30.74 14.31
CA GLU A 614 22.42 29.55 15.01
C GLU A 614 21.68 28.65 14.02
N ALA A 615 21.83 27.34 14.20
CA ALA A 615 21.21 26.36 13.30
C ALA A 615 19.87 25.96 13.87
N PHE A 616 18.79 26.32 13.20
CA PHE A 616 17.45 25.98 13.67
C PHE A 616 16.93 24.70 13.02
N VAL A 617 17.22 24.54 11.73
CA VAL A 617 16.80 23.34 11.02
C VAL A 617 17.79 22.26 11.33
N LEU A 618 17.31 21.17 11.91
CA LEU A 618 18.19 20.11 12.41
C LEU A 618 18.24 18.93 11.46
N TYR A 619 17.26 18.85 10.56
CA TYR A 619 17.09 17.69 9.69
C TYR A 619 16.10 18.03 8.58
N GLY A 620 16.18 17.26 7.49
CA GLY A 620 15.22 17.34 6.40
C GLY A 620 15.41 16.18 5.47
N ASP A 621 14.32 15.76 4.82
CA ASP A 621 14.36 14.64 3.89
C ASP A 621 13.43 14.94 2.73
N THR A 622 14.04 15.24 1.58
CA THR A 622 13.36 15.42 0.29
C THR A 622 12.60 16.74 0.18
N ASP A 623 11.58 16.90 1.02
CA ASP A 623 10.72 18.08 0.98
C ASP A 623 10.31 18.57 2.37
N SER A 624 10.97 18.06 3.41
CA SER A 624 10.60 18.35 4.78
C SER A 624 11.73 19.06 5.50
N ILE A 625 11.39 19.85 6.51
CA ILE A 625 12.37 20.37 7.45
C ILE A 625 11.89 20.15 8.88
N TYR A 626 12.85 19.91 9.77
CA TYR A 626 12.59 19.74 11.19
C TYR A 626 13.32 20.83 11.92
N VAL A 627 12.54 21.63 12.65
CA VAL A 627 13.02 22.85 13.24
C VAL A 627 13.05 22.66 14.75
N SER A 628 14.24 22.84 15.34
CA SER A 628 14.36 22.89 16.77
C SER A 628 13.69 24.15 17.29
N ALA A 629 12.68 23.98 18.12
CA ALA A 629 11.92 25.11 18.66
C ALA A 629 12.36 25.47 20.10
N ASP A 630 13.51 24.97 20.52
CA ASP A 630 14.00 25.21 21.87
C ASP A 630 14.17 26.69 22.18
N LYS A 631 14.82 27.42 21.27
CA LYS A 631 15.06 28.85 21.49
C LYS A 631 13.76 29.66 21.43
N ILE A 632 12.75 29.12 20.74
CA ILE A 632 11.44 29.76 20.64
C ILE A 632 10.77 29.69 22.01
N ILE A 633 10.75 28.50 22.60
CA ILE A 633 10.24 28.31 23.95
C ILE A 633 11.05 29.13 24.97
N ASP A 634 12.38 29.10 24.86
CA ASP A 634 13.22 29.79 25.85
C ASP A 634 13.13 31.30 25.76
N LYS A 635 12.90 31.83 24.55
CA LYS A 635 12.65 33.27 24.38
C LYS A 635 11.58 33.76 25.33
N VAL A 636 10.49 33.01 25.46
CA VAL A 636 9.38 33.41 26.32
C VAL A 636 9.55 32.83 27.73
N GLY A 637 10.19 31.67 27.81
CA GLY A 637 10.46 31.00 29.09
C GLY A 637 9.39 30.00 29.42
N GLU A 638 9.80 28.78 29.74
CA GLU A 638 8.86 27.70 30.04
C GLU A 638 7.93 28.03 31.18
N SER A 639 8.39 28.85 32.13
CA SER A 639 7.59 29.28 33.27
C SER A 639 6.26 29.91 32.90
N LYS A 640 6.20 30.59 31.76
CA LYS A 640 4.98 31.26 31.31
C LYS A 640 3.85 30.31 30.93
N PHE A 641 4.14 29.02 30.74
CA PHE A 641 3.11 28.10 30.24
C PHE A 641 2.36 27.40 31.36
N ARG A 642 1.06 27.28 31.18
CA ARG A 642 0.16 26.76 32.20
C ARG A 642 0.14 25.25 32.15
N ASP A 643 0.21 24.70 30.94
CA ASP A 643 0.25 23.27 30.74
C ASP A 643 0.84 22.96 29.37
N THR A 644 0.91 21.68 29.03
CA THR A 644 1.41 21.26 27.74
C THR A 644 0.65 21.93 26.60
N ASN A 645 -0.68 21.83 26.65
CA ASN A 645 -1.52 22.36 25.57
C ASN A 645 -1.28 23.86 25.31
N HIS A 646 -0.86 24.60 26.33
CA HIS A 646 -0.58 26.02 26.18
C HIS A 646 0.66 26.27 25.30
N TRP A 647 1.77 25.59 25.56
CA TRP A 647 2.94 25.77 24.69
C TRP A 647 2.68 25.22 23.30
N VAL A 648 1.87 24.15 23.23
CA VAL A 648 1.47 23.59 21.94
C VAL A 648 0.70 24.63 21.12
N ASP A 649 -0.30 25.26 21.74
CA ASP A 649 -1.05 26.35 21.14
C ASP A 649 -0.11 27.46 20.66
N PHE A 650 0.87 27.78 21.50
CA PHE A 650 1.81 28.85 21.20
C PHE A 650 2.64 28.55 19.96
N LEU A 651 3.21 27.36 19.90
CA LEU A 651 3.99 26.96 18.74
C LEU A 651 3.13 26.80 17.49
N ASP A 652 1.93 26.26 17.67
CA ASP A 652 0.99 26.13 16.57
C ASP A 652 0.76 27.50 15.94
N LYS A 653 0.48 28.49 16.78
CA LYS A 653 0.23 29.85 16.31
C LYS A 653 1.49 30.48 15.69
N PHE A 654 2.64 30.26 16.32
CA PHE A 654 3.93 30.75 15.82
C PHE A 654 4.21 30.24 14.40
N ALA A 655 4.04 28.93 14.20
CA ALA A 655 4.21 28.32 12.89
C ALA A 655 3.26 28.92 11.88
N ARG A 656 1.99 29.05 12.27
CA ARG A 656 0.95 29.48 11.34
C ARG A 656 1.09 30.95 10.98
N GLU A 657 1.26 31.79 11.99
CA GLU A 657 1.19 33.22 11.82
C GLU A 657 2.52 33.87 11.49
N ARG A 658 3.63 33.23 11.83
CA ARG A 658 4.96 33.81 11.61
C ARG A 658 5.81 33.00 10.64
N MET A 659 5.97 31.71 10.89
CA MET A 659 6.88 30.92 10.07
C MET A 659 6.36 30.67 8.67
N GLU A 660 5.13 30.20 8.57
CA GLU A 660 4.58 29.84 7.26
C GLU A 660 4.61 31.01 6.28
N PRO A 661 4.22 32.22 6.72
CA PRO A 661 4.34 33.39 5.85
C PRO A 661 5.78 33.70 5.42
N ALA A 662 6.72 33.54 6.34
CA ALA A 662 8.13 33.70 6.01
C ALA A 662 8.56 32.62 5.01
N ILE A 663 8.06 31.41 5.21
CA ILE A 663 8.34 30.31 4.27
C ILE A 663 7.76 30.61 2.89
N ASP A 664 6.51 31.08 2.85
CA ASP A 664 5.87 31.42 1.58
C ASP A 664 6.62 32.52 0.85
N ARG A 665 7.06 33.56 1.58
CA ARG A 665 7.87 34.62 0.96
C ARG A 665 9.16 34.04 0.38
N GLY A 666 9.80 33.13 1.12
CA GLY A 666 11.02 32.50 0.66
C GLY A 666 10.81 31.75 -0.65
N PHE A 667 9.71 31.01 -0.73
CA PHE A 667 9.42 30.21 -1.91
C PHE A 667 8.97 31.04 -3.10
N ARG A 668 8.24 32.13 -2.85
CA ARG A 668 7.88 33.05 -3.94
C ARG A 668 9.11 33.65 -4.58
N GLU A 669 10.13 33.92 -3.76
CA GLU A 669 11.40 34.44 -4.28
C GLU A 669 12.11 33.39 -5.14
N MET A 670 12.07 32.14 -4.67
CA MET A 670 12.65 31.05 -5.43
C MET A 670 11.96 30.91 -6.78
N CYS A 671 10.64 31.04 -6.77
CA CYS A 671 9.79 30.95 -7.97
C CYS A 671 10.18 32.01 -9.01
N GLU A 672 10.32 33.25 -8.56
CA GLU A 672 10.75 34.34 -9.45
C GLU A 672 12.13 34.05 -10.01
N TYR A 673 13.01 33.54 -9.16
CA TYR A 673 14.38 33.20 -9.53
C TYR A 673 14.40 32.19 -10.68
N MET A 674 13.59 31.16 -10.58
CA MET A 674 13.48 30.14 -11.62
C MET A 674 12.47 30.54 -12.71
N ASN A 675 11.82 31.69 -12.52
CA ASN A 675 10.81 32.23 -13.44
C ASN A 675 9.70 31.23 -13.75
N ASN A 676 9.24 30.54 -12.71
CA ASN A 676 8.30 29.45 -12.89
C ASN A 676 6.91 29.94 -13.27
N LYS A 677 6.13 29.01 -13.82
CA LYS A 677 4.81 29.30 -14.32
C LYS A 677 3.85 29.67 -13.18
N GLN A 678 3.93 28.96 -12.07
CA GLN A 678 2.97 29.15 -10.98
C GLN A 678 3.57 28.72 -9.65
N HIS A 679 3.47 29.58 -8.64
CA HIS A 679 3.96 29.29 -7.31
C HIS A 679 3.07 28.24 -6.64
N LEU A 680 3.63 27.05 -6.38
CA LEU A 680 2.87 25.96 -5.76
C LEU A 680 3.65 25.24 -4.67
N MET A 681 4.74 25.84 -4.17
CA MET A 681 5.49 25.26 -3.06
C MET A 681 4.82 25.73 -1.78
N PHE A 682 3.95 24.88 -1.23
CA PHE A 682 3.19 25.14 -0.04
C PHE A 682 3.68 24.18 1.03
N MET A 683 4.50 24.72 1.92
CA MET A 683 5.14 23.95 2.96
C MET A 683 4.43 24.23 4.28
N ASP A 684 3.45 23.39 4.62
CA ASP A 684 2.67 23.56 5.84
C ASP A 684 3.23 22.74 6.99
N ARG A 685 2.97 23.24 8.20
CA ARG A 685 3.40 22.61 9.43
C ARG A 685 2.81 21.21 9.50
N GLU A 686 3.65 20.25 9.83
CA GLU A 686 3.23 18.87 10.00
C GLU A 686 3.04 18.63 11.52
N ALA A 687 4.15 18.42 12.24
CA ALA A 687 4.09 18.02 13.64
C ALA A 687 4.56 19.12 14.61
N ILE A 688 3.95 19.11 15.80
CA ILE A 688 4.44 19.88 16.95
C ILE A 688 4.80 18.86 18.01
N ALA A 689 6.07 18.83 18.41
CA ALA A 689 6.58 17.80 19.31
C ALA A 689 7.35 18.34 20.51
N GLY A 690 7.21 17.63 21.62
CA GLY A 690 7.95 17.97 22.83
C GLY A 690 7.55 17.05 23.95
N PRO A 691 8.26 17.16 25.09
CA PRO A 691 7.89 16.40 26.27
C PRO A 691 6.70 17.07 26.95
N PRO A 692 5.93 16.29 27.74
CA PRO A 692 4.90 16.94 28.56
C PRO A 692 5.55 17.97 29.48
N LEU A 693 4.87 19.09 29.70
CA LEU A 693 5.37 20.15 30.58
C LEU A 693 5.62 19.57 31.96
N GLY A 694 6.80 19.87 32.52
CA GLY A 694 7.15 19.42 33.87
C GLY A 694 7.76 18.04 33.93
N SER A 695 7.67 17.26 32.85
CA SER A 695 8.24 15.92 32.82
C SER A 695 9.75 15.97 32.58
N LYS A 696 10.39 14.82 32.76
CA LYS A 696 11.78 14.64 32.37
C LYS A 696 11.91 13.96 31.01
N GLY A 697 10.83 13.96 30.23
CA GLY A 697 10.86 13.38 28.89
C GLY A 697 11.76 14.20 27.99
N ILE A 698 12.39 13.56 27.01
CA ILE A 698 13.35 14.26 26.15
C ILE A 698 12.71 14.83 24.87
N GLY A 699 11.44 14.51 24.65
CA GLY A 699 10.72 15.06 23.51
C GLY A 699 10.94 14.27 22.24
N GLY A 700 12.18 14.15 21.81
CA GLY A 700 12.52 13.38 20.61
C GLY A 700 14.00 13.07 20.51
N PHE A 701 14.38 12.28 19.51
CA PHE A 701 15.77 12.03 19.16
C PHE A 701 15.95 11.56 17.72
N TRP A 702 17.14 11.81 17.18
CA TRP A 702 17.59 11.26 15.88
C TRP A 702 18.80 10.37 16.11
N THR A 703 18.85 9.22 15.43
CA THR A 703 20.06 8.41 15.43
C THR A 703 20.85 8.61 14.15
N GLY A 704 20.16 9.03 13.08
CA GLY A 704 20.78 9.28 11.78
C GLY A 704 19.73 9.63 10.74
N LYS A 705 20.14 9.66 9.47
CA LYS A 705 19.18 9.86 8.40
C LYS A 705 18.07 8.81 8.47
N LYS A 706 16.84 9.26 8.27
CA LYS A 706 15.64 8.41 8.21
C LYS A 706 15.39 7.59 9.47
N ARG A 707 15.95 8.02 10.59
CA ARG A 707 15.80 7.31 11.84
C ARG A 707 15.59 8.30 12.99
N TYR A 708 14.36 8.39 13.48
CA TYR A 708 14.04 9.31 14.56
C TYR A 708 12.69 9.00 15.25
N ALA A 709 12.46 9.67 16.37
CA ALA A 709 11.24 9.50 17.16
C ALA A 709 10.85 10.83 17.75
N LEU A 710 9.56 11.13 17.71
CA LEU A 710 9.01 12.39 18.24
C LEU A 710 7.73 12.15 19.01
N ASN A 711 7.61 12.83 20.15
CA ASN A 711 6.37 12.85 20.89
C ASN A 711 5.46 13.98 20.36
N VAL A 712 4.43 13.60 19.62
CA VAL A 712 3.64 14.56 18.86
C VAL A 712 2.31 14.87 19.54
N TRP A 713 2.02 16.17 19.67
CA TRP A 713 0.79 16.67 20.28
C TRP A 713 -0.19 17.16 19.23
N ASP A 714 0.31 17.65 18.10
CA ASP A 714 -0.54 18.10 17.01
C ASP A 714 0.06 17.67 15.67
N MET A 715 -0.77 17.06 14.82
CA MET A 715 -0.34 16.57 13.52
C MET A 715 -1.27 17.10 12.44
N GLU A 716 -0.71 17.96 11.57
CA GLU A 716 -1.44 18.57 10.46
C GLU A 716 -2.80 19.15 10.88
N GLY A 717 -2.84 19.76 12.06
CA GLY A 717 -4.07 20.38 12.57
C GLY A 717 -4.92 19.47 13.43
N THR A 718 -4.53 18.21 13.59
CA THR A 718 -5.24 17.32 14.53
C THR A 718 -4.60 17.41 15.91
N ARG A 719 -5.31 18.03 16.85
CA ARG A 719 -4.84 18.12 18.23
C ARG A 719 -5.26 16.86 18.96
N TYR A 720 -4.29 16.05 19.36
CA TYR A 720 -4.60 14.73 19.91
C TYR A 720 -5.11 14.84 21.34
N ALA A 721 -6.09 14.03 21.69
CA ALA A 721 -6.50 13.85 23.08
C ALA A 721 -5.32 13.33 23.91
N GLU A 722 -4.57 12.37 23.34
CA GLU A 722 -3.36 11.85 23.97
C GLU A 722 -2.19 11.95 23.00
N PRO A 723 -1.00 12.33 23.50
CA PRO A 723 0.15 12.47 22.60
C PRO A 723 0.46 11.16 21.86
N LYS A 724 0.93 11.27 20.63
CA LYS A 724 1.19 10.10 19.79
C LYS A 724 2.64 10.12 19.30
N LEU A 725 3.28 8.95 19.31
CA LEU A 725 4.68 8.87 18.87
C LEU A 725 4.75 8.88 17.36
N LYS A 726 5.56 9.78 16.79
CA LYS A 726 5.90 9.67 15.38
C LYS A 726 7.28 9.03 15.31
N ILE A 727 7.32 7.79 14.87
CA ILE A 727 8.59 7.05 14.79
C ILE A 727 8.83 6.61 13.35
N MET A 728 9.97 6.99 12.81
CA MET A 728 10.33 6.61 11.45
C MET A 728 11.64 5.86 11.44
N GLY A 729 11.68 4.75 10.70
CA GLY A 729 12.93 4.02 10.43
C GLY A 729 13.42 3.09 11.53
N LEU A 730 13.13 3.46 12.77
CA LEU A 730 13.57 2.67 13.90
C LEU A 730 12.94 1.28 13.87
N GLU A 731 13.49 0.37 14.67
CA GLU A 731 13.15 -1.06 14.60
C GLU A 731 11.68 -1.35 14.87
N THR A 732 11.03 -0.48 15.63
CA THR A 732 9.60 -0.57 15.88
C THR A 732 8.76 -0.52 14.60
N GLN A 733 9.31 0.11 13.54
CA GLN A 733 8.60 0.28 12.27
C GLN A 733 8.95 -0.79 11.24
N LYS A 734 9.75 -1.78 11.63
CA LYS A 734 10.25 -2.78 10.69
C LYS A 734 9.54 -4.11 10.87
N SER A 735 9.02 -4.66 9.78
CA SER A 735 8.33 -5.95 9.80
C SER A 735 9.26 -7.11 10.16
N SER A 736 10.57 -6.91 10.00
CA SER A 736 11.56 -7.91 10.37
C SER A 736 11.76 -8.02 11.90
N THR A 737 11.36 -6.99 12.65
CA THR A 737 11.57 -6.97 14.09
C THR A 737 10.47 -7.80 14.78
N PRO A 738 10.84 -8.68 15.73
CA PRO A 738 9.81 -9.49 16.38
C PRO A 738 8.71 -8.63 17.01
N LYS A 739 7.48 -9.14 16.99
CA LYS A 739 6.32 -8.37 17.39
C LYS A 739 6.40 -7.85 18.82
N ALA A 740 6.78 -8.72 19.77
CA ALA A 740 6.89 -8.30 21.17
C ALA A 740 8.06 -7.34 21.39
N VAL A 741 9.08 -7.40 20.53
CA VAL A 741 10.22 -6.50 20.62
C VAL A 741 9.85 -5.11 20.07
N GLN A 742 9.07 -5.05 18.99
CA GLN A 742 8.50 -3.80 18.53
C GLN A 742 7.76 -3.12 19.69
N LYS A 743 6.90 -3.88 20.36
CA LYS A 743 6.09 -3.38 21.47
C LYS A 743 7.01 -2.83 22.55
N ALA A 744 7.97 -3.65 23.00
CA ALA A 744 8.88 -3.24 24.08
C ALA A 744 9.79 -2.08 23.70
N LEU A 745 10.29 -2.06 22.46
CA LEU A 745 11.10 -0.91 22.00
C LEU A 745 10.26 0.37 21.94
N LYS A 746 9.02 0.25 21.50
CA LYS A 746 8.15 1.40 21.44
C LYS A 746 7.85 1.97 22.83
N GLU A 747 7.69 1.09 23.82
CA GLU A 747 7.46 1.52 25.20
C GLU A 747 8.72 2.12 25.81
N CYS A 748 9.89 1.60 25.43
CA CYS A 748 11.16 2.23 25.79
C CYS A 748 11.22 3.63 25.22
N ILE A 749 10.81 3.78 23.97
CA ILE A 749 10.83 5.09 23.31
C ILE A 749 9.84 6.02 24.01
N ARG A 750 8.61 5.58 24.19
CA ARG A 750 7.60 6.38 24.89
C ARG A 750 8.11 6.91 26.21
N ARG A 751 8.72 6.04 27.01
CA ARG A 751 9.25 6.43 28.31
C ARG A 751 10.37 7.44 28.17
N MET A 752 11.30 7.20 27.23
CA MET A 752 12.37 8.16 26.97
C MET A 752 11.80 9.55 26.67
N LEU A 753 10.85 9.60 25.74
CA LEU A 753 10.35 10.88 25.23
C LEU A 753 9.40 11.59 26.18
N GLN A 754 8.63 10.82 26.96
CA GLN A 754 7.58 11.37 27.81
C GLN A 754 7.94 11.42 29.29
N GLU A 755 8.80 10.50 29.73
CA GLU A 755 9.03 10.31 31.17
C GLU A 755 10.47 10.49 31.63
N GLY A 756 11.44 10.04 30.83
CA GLY A 756 12.85 10.25 31.16
C GLY A 756 13.63 8.97 31.36
N GLU A 757 14.90 9.14 31.71
CA GLU A 757 15.87 8.04 31.78
C GLU A 757 15.52 6.97 32.82
N GLU A 758 15.08 7.43 33.99
CA GLU A 758 14.79 6.54 35.10
C GLU A 758 13.62 5.61 34.76
N SER A 759 12.58 6.17 34.15
CA SER A 759 11.44 5.36 33.66
C SER A 759 11.90 4.27 32.70
N LEU A 760 12.78 4.65 31.76
CA LEU A 760 13.36 3.71 30.79
C LEU A 760 14.04 2.55 31.50
N GLN A 761 14.88 2.89 32.46
CA GLN A 761 15.69 1.92 33.19
C GLN A 761 14.80 0.95 33.95
N GLU A 762 13.71 1.46 34.50
CA GLU A 762 12.76 0.61 35.21
C GLU A 762 12.10 -0.38 34.25
N TYR A 763 11.70 0.08 33.07
CA TYR A 763 11.08 -0.80 32.08
C TYR A 763 12.06 -1.82 31.51
N PHE A 764 13.27 -1.36 31.20
CA PHE A 764 14.29 -2.22 30.60
C PHE A 764 14.54 -3.38 31.53
N LYS A 765 14.67 -3.09 32.81
CA LYS A 765 14.93 -4.10 33.82
C LYS A 765 13.84 -5.18 33.84
N GLU A 766 12.59 -4.74 33.79
CA GLU A 766 11.47 -5.66 33.85
C GLU A 766 11.40 -6.54 32.60
N PHE A 767 11.58 -5.93 31.44
CA PHE A 767 11.50 -6.66 30.17
C PHE A 767 12.61 -7.71 30.10
N GLU A 768 13.81 -7.33 30.52
CA GLU A 768 14.93 -8.27 30.54
C GLU A 768 14.63 -9.46 31.44
N LYS A 769 14.02 -9.22 32.59
CA LYS A 769 13.66 -10.30 33.51
C LYS A 769 12.57 -11.22 32.97
N GLU A 770 11.65 -10.67 32.18
CA GLU A 770 10.49 -11.44 31.70
C GLU A 770 10.62 -11.91 30.24
N PHE A 771 11.70 -11.53 29.57
CA PHE A 771 11.90 -11.88 28.15
C PHE A 771 11.66 -13.36 27.85
N ARG A 772 12.25 -14.23 28.66
CA ARG A 772 12.24 -15.68 28.41
C ARG A 772 10.87 -16.34 28.51
N GLN A 773 9.88 -15.60 29.05
CA GLN A 773 8.53 -16.13 29.22
C GLN A 773 7.61 -15.77 28.05
N LEU A 774 8.11 -14.96 27.12
CA LEU A 774 7.31 -14.56 25.96
C LEU A 774 7.12 -15.74 25.00
N ASN A 775 5.98 -15.73 24.32
CA ASN A 775 5.66 -16.74 23.32
C ASN A 775 6.66 -16.70 22.16
N TYR A 776 7.06 -17.87 21.68
CA TYR A 776 8.16 -17.98 20.73
C TYR A 776 7.91 -17.19 19.43
N ILE A 777 6.69 -17.24 18.93
CA ILE A 777 6.32 -16.51 17.72
C ILE A 777 6.45 -14.99 17.93
N SER A 778 6.12 -14.53 19.14
CA SER A 778 6.15 -13.11 19.45
C SER A 778 7.58 -12.55 19.50
N ILE A 779 8.57 -13.43 19.69
CA ILE A 779 9.97 -12.99 19.73
C ILE A 779 10.82 -13.49 18.57
N ALA A 780 10.20 -14.20 17.61
CA ALA A 780 10.89 -14.61 16.39
C ALA A 780 11.08 -13.43 15.43
N SER A 781 12.24 -13.36 14.78
CA SER A 781 12.47 -12.36 13.74
C SER A 781 11.72 -12.79 12.50
N VAL A 782 11.61 -11.88 11.53
CA VAL A 782 10.91 -12.18 10.28
C VAL A 782 11.79 -11.78 9.09
N SER A 783 11.74 -12.57 8.02
CA SER A 783 12.40 -12.22 6.77
C SER A 783 11.71 -12.83 5.56
N SER A 784 12.05 -12.32 4.38
CA SER A 784 11.50 -12.81 3.12
C SER A 784 12.43 -13.88 2.57
N ALA A 785 11.85 -15.00 2.15
CA ALA A 785 12.64 -16.15 1.68
C ALA A 785 12.95 -16.06 0.18
N ASN A 786 13.98 -15.29 -0.18
CA ASN A 786 14.36 -15.13 -1.58
C ASN A 786 15.61 -15.94 -1.95
N ASN A 787 15.60 -16.49 -3.16
CA ASN A 787 16.73 -17.26 -3.71
C ASN A 787 17.19 -18.41 -2.82
N ILE A 788 16.23 -19.19 -2.34
CA ILE A 788 16.53 -20.32 -1.47
C ILE A 788 17.41 -21.35 -2.21
N ALA A 789 16.98 -21.75 -3.40
CA ALA A 789 17.67 -22.76 -4.21
C ALA A 789 19.15 -22.40 -4.41
N LYS A 790 19.40 -21.13 -4.68
CA LYS A 790 20.73 -20.59 -4.94
C LYS A 790 21.78 -20.96 -3.88
N TYR A 791 21.38 -21.07 -2.62
CA TYR A 791 22.31 -21.39 -1.54
C TYR A 791 22.08 -22.81 -0.99
N ASP A 792 21.32 -23.61 -1.73
CA ASP A 792 20.93 -24.95 -1.29
C ASP A 792 21.88 -26.00 -1.88
N VAL A 793 22.99 -26.27 -1.18
CA VAL A 793 23.98 -27.25 -1.63
C VAL A 793 23.83 -28.57 -0.87
N GLY A 794 23.03 -29.47 -1.42
CA GLY A 794 22.78 -30.77 -0.80
C GLY A 794 21.98 -30.69 0.49
N GLY A 795 21.10 -29.68 0.59
CA GLY A 795 20.37 -29.41 1.82
C GLY A 795 21.18 -28.66 2.87
N PHE A 796 22.36 -28.17 2.50
CA PHE A 796 23.23 -27.42 3.41
C PHE A 796 23.62 -26.08 2.80
N PRO A 797 24.00 -25.11 3.65
CA PRO A 797 24.24 -23.76 3.14
C PRO A 797 25.48 -23.60 2.27
N GLY A 798 25.28 -23.13 1.04
CA GLY A 798 26.38 -22.71 0.18
C GLY A 798 27.04 -21.44 0.67
N PRO A 799 28.04 -20.93 -0.07
CA PRO A 799 28.79 -19.74 0.38
C PRO A 799 27.94 -18.47 0.35
N LYS A 800 28.23 -17.56 1.28
CA LYS A 800 27.46 -16.31 1.44
C LYS A 800 25.97 -16.52 1.74
N CYS A 801 25.60 -17.71 2.21
CA CYS A 801 24.21 -18.02 2.52
C CYS A 801 23.67 -17.07 3.61
N PRO A 802 22.62 -16.29 3.30
CA PRO A 802 22.02 -15.45 4.34
C PRO A 802 21.50 -16.25 5.55
N PHE A 803 21.41 -15.57 6.68
CA PHE A 803 21.06 -16.19 7.97
C PHE A 803 19.68 -16.82 7.91
N HIS A 804 18.73 -16.08 7.35
CA HIS A 804 17.35 -16.55 7.24
C HIS A 804 17.26 -17.74 6.28
N ILE A 805 18.03 -17.71 5.20
CA ILE A 805 18.04 -18.81 4.22
C ILE A 805 18.63 -20.05 4.88
N ARG A 806 19.71 -19.87 5.65
CA ARG A 806 20.28 -20.95 6.45
C ARG A 806 19.25 -21.60 7.36
N GLY A 807 18.40 -20.79 7.99
CA GLY A 807 17.33 -21.32 8.84
C GLY A 807 16.28 -22.14 8.08
N ILE A 808 15.96 -21.69 6.88
CA ILE A 808 15.06 -22.44 6.00
C ILE A 808 15.67 -23.81 5.68
N LEU A 809 16.97 -23.84 5.36
CA LEU A 809 17.62 -25.11 5.05
C LEU A 809 17.58 -26.05 6.23
N THR A 810 17.83 -25.52 7.42
CA THR A 810 17.77 -26.30 8.64
C THR A 810 16.38 -26.90 8.81
N TYR A 811 15.36 -26.08 8.52
CA TYR A 811 13.97 -26.52 8.56
C TYR A 811 13.72 -27.68 7.60
N ASN A 812 14.16 -27.53 6.36
CA ASN A 812 13.92 -28.55 5.32
C ASN A 812 14.55 -29.90 5.68
N ARG A 813 15.74 -29.87 6.28
CA ARG A 813 16.37 -31.09 6.76
C ARG A 813 15.58 -31.74 7.90
N ALA A 814 15.06 -30.91 8.80
CA ALA A 814 14.32 -31.40 9.95
C ALA A 814 12.99 -32.03 9.58
N ILE A 815 12.34 -31.53 8.52
CA ILE A 815 11.05 -32.07 8.09
C ILE A 815 11.15 -33.09 6.95
N LYS A 816 12.36 -33.46 6.56
CA LYS A 816 12.56 -34.35 5.42
C LYS A 816 11.75 -35.64 5.62
N GLY A 817 10.96 -36.00 4.60
CA GLY A 817 10.18 -37.23 4.64
C GLY A 817 8.79 -37.01 5.21
N ASN A 818 8.69 -36.17 6.25
CA ASN A 818 7.42 -35.80 6.85
C ASN A 818 6.55 -35.06 5.84
N ILE A 819 5.47 -35.71 5.40
CA ILE A 819 4.67 -35.21 4.29
C ILE A 819 3.67 -34.12 4.73
N ASP A 820 3.42 -34.02 6.04
CA ASP A 820 2.48 -33.02 6.56
C ASP A 820 3.09 -31.65 6.82
N ALA A 821 4.40 -31.59 7.01
CA ALA A 821 5.06 -30.31 7.31
C ALA A 821 4.87 -29.35 6.15
N PRO A 822 4.39 -28.12 6.42
CA PRO A 822 4.27 -27.15 5.33
C PRO A 822 5.63 -26.74 4.76
N GLN A 823 5.69 -26.62 3.44
CA GLN A 823 6.92 -26.22 2.78
C GLN A 823 7.05 -24.70 2.84
N VAL A 824 8.29 -24.24 2.92
CA VAL A 824 8.59 -22.83 2.73
C VAL A 824 8.45 -22.52 1.24
N VAL A 825 7.67 -21.50 0.92
CA VAL A 825 7.49 -21.08 -0.46
C VAL A 825 8.47 -19.94 -0.79
N GLU A 826 9.14 -20.07 -1.94
CA GLU A 826 10.06 -19.06 -2.44
C GLU A 826 9.38 -17.69 -2.44
N GLY A 827 10.09 -16.68 -1.95
CA GLY A 827 9.56 -15.32 -1.90
C GLY A 827 8.66 -14.96 -0.73
N GLU A 828 8.22 -15.95 0.04
CA GLU A 828 7.29 -15.71 1.14
C GLU A 828 8.00 -15.43 2.46
N LYS A 829 7.22 -14.99 3.45
CA LYS A 829 7.77 -14.56 4.71
C LYS A 829 8.01 -15.75 5.64
N VAL A 830 9.09 -15.71 6.41
CA VAL A 830 9.39 -16.74 7.40
C VAL A 830 9.73 -16.09 8.75
N TYR A 831 9.29 -16.75 9.82
CA TYR A 831 9.81 -16.50 11.17
C TYR A 831 11.20 -17.11 11.25
N VAL A 832 12.05 -16.54 12.11
CA VAL A 832 13.43 -16.98 12.24
C VAL A 832 13.83 -16.94 13.71
N LEU A 833 14.41 -18.03 14.20
CA LEU A 833 14.94 -18.09 15.57
C LEU A 833 16.37 -18.61 15.58
N PRO A 834 17.23 -18.01 16.43
CA PRO A 834 18.56 -18.56 16.63
C PRO A 834 18.53 -19.75 17.59
N LEU A 835 19.52 -20.62 17.47
CA LEU A 835 19.56 -21.90 18.19
C LEU A 835 20.88 -22.02 18.96
N ARG A 836 20.79 -22.53 20.18
CA ARG A 836 22.00 -22.78 20.98
C ARG A 836 22.87 -23.88 20.35
N GLU A 837 24.15 -23.82 20.64
CA GLU A 837 25.11 -24.78 20.07
C GLU A 837 24.79 -26.19 20.60
N GLY A 838 24.99 -27.19 19.75
CA GLY A 838 24.72 -28.59 20.13
C GLY A 838 23.29 -29.06 19.89
N ASN A 839 22.43 -28.20 19.36
CA ASN A 839 21.04 -28.56 19.10
C ASN A 839 20.94 -29.68 18.08
N PRO A 840 19.84 -30.45 18.11
CA PRO A 840 19.67 -31.61 17.22
C PRO A 840 19.38 -31.28 15.74
N PHE A 841 19.15 -30.00 15.45
CA PHE A 841 18.96 -29.53 14.06
C PHE A 841 20.30 -29.30 13.36
N GLY A 842 21.38 -29.20 14.12
CA GLY A 842 22.73 -29.13 13.55
C GLY A 842 23.10 -27.82 12.88
N ASP A 843 22.50 -26.72 13.33
CA ASP A 843 22.88 -25.41 12.82
C ASP A 843 22.41 -24.29 13.75
N LYS A 844 22.87 -23.08 13.48
CA LYS A 844 22.73 -21.96 14.42
C LYS A 844 21.36 -21.26 14.37
N CYS A 845 20.49 -21.66 13.46
CA CYS A 845 19.16 -21.07 13.40
C CYS A 845 18.18 -21.93 12.63
N ILE A 846 16.90 -21.63 12.83
CA ILE A 846 15.82 -22.27 12.08
C ILE A 846 14.78 -21.23 11.67
N ALA A 847 14.12 -21.51 10.56
CA ALA A 847 13.09 -20.63 10.00
C ALA A 847 11.92 -21.44 9.47
N TRP A 848 10.71 -20.93 9.62
CA TRP A 848 9.53 -21.60 9.11
C TRP A 848 8.52 -20.58 8.60
N PRO A 849 7.53 -21.01 7.78
CA PRO A 849 6.54 -20.08 7.21
C PRO A 849 5.85 -19.21 8.26
N SER A 850 5.85 -17.90 8.01
CA SER A 850 5.30 -16.93 8.95
C SER A 850 3.78 -17.02 9.04
N GLY A 851 3.23 -16.45 10.11
CA GLY A 851 1.81 -16.52 10.38
C GLY A 851 1.33 -17.87 10.85
N THR A 852 2.24 -18.82 11.04
CA THR A 852 1.87 -20.17 11.46
C THR A 852 2.69 -20.61 12.67
N GLU A 853 2.12 -21.56 13.42
CA GLU A 853 2.87 -22.30 14.42
C GLU A 853 3.79 -23.25 13.67
N ILE A 854 4.95 -23.53 14.23
CA ILE A 854 5.86 -24.48 13.61
C ILE A 854 5.31 -25.89 13.83
N THR A 855 5.36 -26.73 12.79
CA THR A 855 4.86 -28.12 12.87
C THR A 855 5.24 -28.83 14.17
N ASP A 856 4.27 -29.54 14.76
CA ASP A 856 4.40 -30.13 16.11
C ASP A 856 5.58 -31.10 16.29
N LEU A 857 6.06 -31.68 15.20
CA LEU A 857 7.18 -32.61 15.27
C LEU A 857 8.45 -31.95 15.78
N ILE A 858 8.76 -30.76 15.28
CA ILE A 858 9.99 -30.06 15.64
C ILE A 858 9.77 -28.91 16.63
N LYS A 859 8.51 -28.58 16.90
CA LYS A 859 8.18 -27.46 17.77
C LYS A 859 8.82 -27.60 19.16
N ASP A 860 8.63 -28.76 19.78
CA ASP A 860 9.22 -29.03 21.10
C ASP A 860 10.72 -28.78 21.16
N ASP A 861 11.46 -29.21 20.13
CA ASP A 861 12.92 -29.02 20.10
C ASP A 861 13.31 -27.58 19.80
N VAL A 862 12.56 -26.91 18.92
CA VAL A 862 12.77 -25.48 18.69
C VAL A 862 12.64 -24.75 20.03
N LEU A 863 11.52 -24.94 20.72
CA LEU A 863 11.31 -24.34 22.04
C LEU A 863 12.41 -24.67 23.05
N HIS A 864 12.89 -25.91 23.01
CA HIS A 864 13.93 -26.35 23.94
C HIS A 864 15.30 -25.73 23.63
N TRP A 865 15.59 -25.50 22.36
CA TRP A 865 16.92 -25.06 21.94
C TRP A 865 17.03 -23.59 21.53
N MET A 866 15.90 -22.88 21.54
CA MET A 866 15.90 -21.42 21.31
C MET A 866 17.01 -20.74 22.07
N ASP A 867 17.74 -19.87 21.40
CA ASP A 867 18.77 -19.09 22.08
C ASP A 867 18.23 -17.70 22.45
N TYR A 868 17.68 -17.62 23.65
CA TYR A 868 17.11 -16.36 24.17
C TYR A 868 18.16 -15.25 24.33
N THR A 869 19.37 -15.60 24.72
CA THR A 869 20.43 -14.61 24.93
C THR A 869 20.80 -13.90 23.63
N VAL A 870 20.98 -14.66 22.56
CA VAL A 870 21.25 -14.09 21.24
C VAL A 870 20.07 -13.24 20.77
N LEU A 871 18.88 -13.75 21.01
CA LEU A 871 17.65 -13.13 20.54
C LEU A 871 17.45 -11.78 21.23
N LEU A 872 17.58 -11.75 22.55
CA LEU A 872 17.50 -10.49 23.33
C LEU A 872 18.58 -9.51 22.87
N GLU A 873 19.83 -9.98 22.78
CA GLU A 873 20.95 -9.13 22.37
C GLU A 873 20.76 -8.50 20.99
N LYS A 874 20.40 -9.31 20.01
CA LYS A 874 20.34 -8.83 18.63
C LYS A 874 19.08 -8.03 18.34
N THR A 875 17.93 -8.46 18.83
CA THR A 875 16.68 -7.84 18.41
C THR A 875 16.31 -6.63 19.27
N PHE A 876 16.72 -6.64 20.54
CA PHE A 876 16.25 -5.65 21.50
C PHE A 876 17.37 -4.76 22.04
N ILE A 877 18.36 -5.35 22.67
CA ILE A 877 19.43 -4.56 23.31
C ILE A 877 20.23 -3.73 22.29
N LYS A 878 20.63 -4.33 21.18
CA LYS A 878 21.46 -3.61 20.22
C LYS A 878 20.73 -2.42 19.59
N PRO A 879 19.47 -2.59 19.14
CA PRO A 879 18.75 -1.39 18.68
C PRO A 879 18.55 -0.34 19.79
N LEU A 880 18.21 -0.80 21.00
CA LEU A 880 17.99 0.11 22.11
C LEU A 880 19.26 0.88 22.47
N GLU A 881 20.41 0.21 22.40
CA GLU A 881 21.73 0.86 22.53
C GLU A 881 21.90 2.00 21.51
N GLY A 882 21.47 1.77 20.28
CA GLY A 882 21.48 2.80 19.25
C GLY A 882 20.64 4.00 19.64
N PHE A 883 19.42 3.75 20.13
CA PHE A 883 18.52 4.85 20.49
C PHE A 883 19.10 5.68 21.61
N THR A 884 19.60 5.00 22.63
CA THR A 884 19.97 5.65 23.87
C THR A 884 21.32 6.35 23.78
N SER A 885 22.28 5.78 23.06
CA SER A 885 23.54 6.47 22.84
C SER A 885 23.34 7.73 21.99
N ALA A 886 22.41 7.67 21.04
CA ALA A 886 22.07 8.84 20.25
C ALA A 886 21.43 9.92 21.14
N ALA A 887 20.54 9.49 22.03
CA ALA A 887 19.83 10.39 22.92
C ALA A 887 20.64 10.78 24.14
N LYS A 888 21.82 10.16 24.30
CA LYS A 888 22.73 10.46 25.39
C LYS A 888 22.10 10.13 26.74
N LEU A 889 21.60 8.92 26.86
CA LEU A 889 21.19 8.43 28.17
C LEU A 889 21.41 6.91 28.21
N ASP A 890 21.13 6.32 29.35
CA ASP A 890 21.49 4.93 29.58
C ASP A 890 20.25 4.13 29.89
N TYR A 891 20.16 2.92 29.32
CA TYR A 891 19.06 2.02 29.63
C TYR A 891 19.35 1.20 30.87
N GLU A 892 20.61 1.23 31.30
CA GLU A 892 21.08 0.59 32.53
C GLU A 892 21.84 1.61 33.34
N LYS A 893 21.59 1.67 34.65
CA LYS A 893 22.32 2.59 35.50
C LYS A 893 23.82 2.24 35.48
N LYS A 894 24.66 3.20 35.11
CA LYS A 894 26.10 2.99 35.11
C LYS A 894 26.63 2.91 36.53
N ALA A 895 27.75 2.21 36.71
CA ALA A 895 28.43 2.17 38.00
C ALA A 895 29.03 3.54 38.32
N SER A 896 29.19 3.82 39.61
CA SER A 896 29.66 5.13 40.07
C SER A 896 30.09 5.02 41.52
N LEU A 897 30.64 6.10 42.05
CA LEU A 897 31.11 6.15 43.45
C LEU A 897 29.98 5.87 44.44
N PHE A 898 28.75 6.20 44.05
CA PHE A 898 27.57 5.99 44.87
C PHE A 898 27.31 4.52 45.19
N ASP A 899 27.86 3.61 44.38
CA ASP A 899 27.72 2.18 44.60
C ASP A 899 28.36 1.72 45.91
N MET A 900 29.25 2.54 46.45
CA MET A 900 29.88 2.27 47.75
C MET A 900 28.90 2.35 48.93
N PHE A 901 27.75 2.99 48.74
CA PHE A 901 26.78 3.20 49.83
C PHE A 901 25.60 2.24 49.73
N ASP A 902 24.88 2.09 50.84
CA ASP A 902 23.66 1.26 50.87
C ASP A 902 22.39 2.15 50.82
N PHE A 903 21.76 2.21 49.65
CA PHE A 903 20.56 3.04 49.43
C PHE A 903 19.29 2.19 49.31
PG ATP D . 1.96 14.97 1.12
O1G ATP D . 3.23 15.31 1.86
O2G ATP D . 1.13 16.16 0.69
O3G ATP D . 1.14 13.85 1.70
PB ATP D . 3.88 14.21 -0.91
O1B ATP D . 3.76 13.73 -2.34
O2B ATP D . 4.68 15.46 -0.62
O3B ATP D . 2.38 14.33 -0.32
PA ATP D . 5.75 12.75 0.80
O1A ATP D . 5.56 11.43 1.51
O2A ATP D . 6.03 14.00 1.58
O3A ATP D . 4.41 12.94 -0.07
O5' ATP D . 6.95 12.50 -0.23
C5' ATP D . 7.58 13.62 -0.85
C4' ATP D . 7.97 13.26 -2.29
O4' ATP D . 8.78 12.07 -2.29
C3' ATP D . 6.80 12.93 -3.20
O3' ATP D . 6.08 14.08 -3.68
C2' ATP D . 7.54 12.17 -4.29
C1' ATP D . 8.52 11.32 -3.47
N9 ATP D . 7.86 10.06 -3.09
C8 ATP D . 7.34 9.70 -1.90
N7 ATP D . 6.80 8.46 -1.97
C5 ATP D . 6.95 8.01 -3.23
C6 ATP D . 6.62 6.80 -4.00
N6 ATP D . 5.98 5.76 -3.40
N1 ATP D . 6.98 6.77 -5.31
C2 ATP D . 7.60 7.79 -5.91
N3 ATP D . 7.94 8.92 -5.28
C4 ATP D . 7.65 9.08 -3.96
CA CA E . 5.25 16.21 1.45
CA CA F . 7.54 14.64 3.42
CA CA G . -20.51 13.95 28.84
CA CA H . 0.87 18.73 4.93
CA CA I . -9.19 -23.03 3.53
CA CA J . 11.35 -33.21 18.27
#